data_5NN8
#
_entry.id   5NN8
#
_cell.length_a   97.050
_cell.length_b   102.986
_cell.length_c   127.597
_cell.angle_alpha   90.00
_cell.angle_beta   90.00
_cell.angle_gamma   90.00
#
_symmetry.space_group_name_H-M   'P 21 21 21'
#
loop_
_entity.id
_entity.type
_entity.pdbx_description
1 polymer 'Lysosomal alpha-glucosidase'
2 branched 2-acetamido-2-deoxy-beta-D-glucopyranose-(1-4)-[alpha-L-fucopyranose-(1-6)]2-acetamido-2-deoxy-beta-D-glucopyranose
3 branched beta-D-mannopyranose-(1-4)-2-acetamido-2-deoxy-beta-D-glucopyranose-(1-4)-2-acetamido-2-deoxy-beta-D-glucopyranose
4 branched 2-acetamido-2-deoxy-beta-D-glucopyranose-(1-4)-2-acetamido-2-deoxy-beta-D-glucopyranose
5 branched 4,6-dideoxy-4-{[(1S,4R,5S,6S)-4,5,6-trihydroxy-3-(hydroxymethyl)cyclohex-2-en-1-yl]amino}-alpha-D-glucopyranose-(1-4)-alpha-D-glucopyranose-(1-4)-alpha-D-glucopyranose
6 branched 4,6-dideoxy-4-{[(1S,4R,5S,6S)-4,5,6-trihydroxy-3-(hydroxymethyl)cyclohex-2-en-1-yl]amino}-alpha-D-glucopyranose-(1-4)-alpha-D-glucopyranose
7 non-polymer 'SULFATE ION'
8 non-polymer 'CHLORIDE ION'
9 non-polymer 1,2-ETHANEDIOL
10 non-polymer GLYCEROL
11 non-polymer 'TRIETHYLENE GLYCOL'
12 water water
#
_entity_poly.entity_id   1
_entity_poly.type   'polypeptide(L)'
_entity_poly.pdbx_seq_one_letter_code
;QCDVPPNSRFDCAPDKAITQEQCEARGCCYIPAKQGLQGAQMGQPWCFFPPSYPSYKLENLSSSEMGYTATLTRTTPTFF
PKDILTLRLDVMMETENRLHFTIKDPANRRYEVPLETPRVHSRAPSPLYSVEFSEEPFGVIVHRQLDGRVLLNTTVAPLF
FADQFLQLSTSLPSQYITGLAEHLSPLMLSTSWTRITLWNRDLAPTPGANLYGSHPFYLALEDGGSAHGVFLLNSNAMDV
VLQPSPALSWRSTGGILDVYIFLGPEPKSVVQQYLDVVGYPFMPPYWGLGFHLCRWGYSSTAITRQVVENMTRAHFPLDV
QWNDLDYMDSRRDFTFNKDGFRDFPAMVQELHQGGRRYMMIVDPAISSSGPAGSYRPYDEGLRRGVFITNETGQPLIGKV
WPGSTAFPDFTNPTALAWWEDMVAEFHDQVPFDGMWIDMNEPSNFIRGSEDGCPNNELENPPYVPGVVGGTLQAATICAS
SHQFLSTHYNLHNLYGLTEAIASHRALVKARGTRPFVISRSTFAGHGRYAGHWTGDVWSSWEQLASSVPEILQFNLLGVP
LVGADVCGFLGNTSEELCVRWTQLGAFYPFMRNHNSLLSLPQEPYSFSEPAQQAMRKALTLRYALLPHLYTLFHQAHVAG
ETVARPLFLEFPKDSSTWTVDHQLLWGEALLITPVLQAGKAEVTGYFPLGTWYDLQTVPIEALGSLPPPPAAPREPAIHS
EGQWVTLPAPLDTINVHLRAGYIIPLQGPGLTTTESRQQPMALAVALTKGGEARGELFWDDGESLEVLERGAYTQVIFLA
RNNTIVNELVRVTSEGAGLQLQKVTVLGVATAPQQVLSNGVPVSNFTYSPDTKVLDI(CSO)VSLLMGEQFLVSWC
;
_entity_poly.pdbx_strand_id   A
#
# COMPACT_ATOMS: atom_id res chain seq x y z
N GLN A 1 2.39 -40.85 21.19
CA GLN A 1 2.11 -39.47 21.71
C GLN A 1 2.92 -38.39 21.02
N CYS A 2 4.19 -38.66 20.75
CA CYS A 2 5.05 -37.71 20.03
C CYS A 2 5.11 -37.99 18.54
N ASP A 3 4.22 -38.85 18.06
CA ASP A 3 4.16 -39.20 16.64
C ASP A 3 3.38 -38.13 15.87
N VAL A 4 4.06 -37.03 15.58
CA VAL A 4 3.48 -35.90 14.86
C VAL A 4 4.31 -35.65 13.59
N PRO A 5 3.65 -35.63 12.41
CA PRO A 5 4.39 -35.41 11.16
C PRO A 5 5.30 -34.18 11.19
N PRO A 6 6.52 -34.29 10.63
CA PRO A 6 7.49 -33.19 10.63
C PRO A 6 6.89 -31.81 10.35
N ASN A 7 6.07 -31.71 9.32
CA ASN A 7 5.52 -30.44 8.89
C ASN A 7 4.44 -29.84 9.82
N SER A 8 3.86 -30.67 10.68
CA SER A 8 2.81 -30.23 11.60
C SER A 8 3.29 -30.00 13.05
N ARG A 9 4.61 -29.95 13.26
CA ARG A 9 5.16 -29.74 14.59
C ARG A 9 5.25 -28.25 14.91
N PHE A 10 4.73 -27.86 16.06
CA PHE A 10 4.75 -26.46 16.49
C PHE A 10 5.86 -26.24 17.53
N ASP A 11 6.63 -25.18 17.34
CA ASP A 11 7.84 -24.94 18.11
C ASP A 11 7.53 -24.81 19.60
N CYS A 12 8.02 -25.75 20.40
CA CYS A 12 7.86 -25.65 21.86
C CYS A 12 9.04 -24.89 22.54
N ALA A 13 10.01 -24.45 21.75
CA ALA A 13 11.11 -23.62 22.26
C ALA A 13 11.37 -22.40 21.38
N PRO A 14 10.35 -21.54 21.22
CA PRO A 14 10.50 -20.31 20.44
C PRO A 14 11.33 -19.23 21.13
N ASP A 15 11.64 -19.43 22.41
CA ASP A 15 12.31 -18.41 23.22
C ASP A 15 13.81 -18.62 23.40
N LYS A 16 14.27 -19.86 23.30
CA LYS A 16 15.69 -20.17 23.51
C LYS A 16 16.12 -21.50 22.89
N ALA A 17 17.44 -21.68 22.85
CA ALA A 17 18.01 -22.95 22.44
C ALA A 17 17.73 -23.88 23.59
N ILE A 18 17.38 -25.12 23.28
CA ILE A 18 16.97 -26.05 24.31
C ILE A 18 17.61 -27.41 24.12
N THR A 19 17.89 -28.08 25.23
CA THR A 19 18.43 -29.43 25.24
C THR A 19 17.28 -30.41 25.31
N GLN A 20 17.55 -31.67 25.02
CA GLN A 20 16.50 -32.69 25.07
C GLN A 20 15.84 -32.75 26.46
N GLU A 21 16.66 -32.74 27.51
CA GLU A 21 16.14 -32.89 28.88
C GLU A 21 15.21 -31.73 29.26
N GLN A 22 15.61 -30.50 28.92
CA GLN A 22 14.80 -29.31 29.19
C GLN A 22 13.49 -29.35 28.41
N CYS A 23 13.59 -29.65 27.11
CA CYS A 23 12.41 -29.75 26.25
C CYS A 23 11.42 -30.72 26.84
N GLU A 24 11.90 -31.91 27.18
CA GLU A 24 11.05 -32.91 27.82
C GLU A 24 10.55 -32.45 29.20
N ALA A 25 11.32 -31.63 29.90
CA ALA A 25 10.90 -31.02 31.17
C ALA A 25 9.74 -30.04 30.98
N ARG A 26 9.73 -29.33 29.85
CA ARG A 26 8.62 -28.44 29.50
C ARG A 26 7.35 -29.25 29.17
N GLY A 27 7.48 -30.57 29.11
CA GLY A 27 6.39 -31.47 28.73
C GLY A 27 6.23 -31.56 27.22
N CYS A 28 7.32 -31.35 26.49
CA CYS A 28 7.30 -31.33 25.03
C CYS A 28 8.05 -32.55 24.47
N CYS A 29 7.98 -32.71 23.14
CA CYS A 29 8.64 -33.80 22.42
C CYS A 29 9.95 -33.34 21.80
N TYR A 30 10.98 -34.20 21.85
CA TYR A 30 12.26 -33.91 21.23
C TYR A 30 12.55 -34.96 20.16
N ILE A 31 12.55 -34.55 18.91
CA ILE A 31 12.90 -35.42 17.81
C ILE A 31 13.69 -34.57 16.85
N PRO A 32 14.99 -34.85 16.70
CA PRO A 32 15.73 -34.00 15.75
C PRO A 32 15.22 -34.19 14.33
N ALA A 33 15.20 -33.11 13.55
CA ALA A 33 14.87 -33.22 12.16
C ALA A 33 16.01 -33.98 11.50
N LYS A 34 15.73 -34.58 10.34
CA LYS A 34 16.71 -35.35 9.60
C LYS A 34 17.75 -34.42 8.94
N GLN A 35 17.33 -33.21 8.59
CA GLN A 35 18.19 -32.22 7.95
C GLN A 35 18.11 -30.89 8.67
N GLY A 43 13.93 -22.97 10.91
CA GLY A 43 13.66 -24.35 10.37
C GLY A 43 12.65 -25.14 11.21
N GLN A 44 12.46 -26.41 10.87
CA GLN A 44 11.56 -27.30 11.60
C GLN A 44 12.06 -27.51 13.04
N PRO A 45 11.16 -27.38 14.04
CA PRO A 45 11.55 -27.48 15.45
C PRO A 45 11.83 -28.91 15.93
N TRP A 46 12.92 -29.06 16.66
CA TRP A 46 13.33 -30.32 17.24
C TRP A 46 12.52 -30.53 18.51
N CYS A 47 12.18 -29.42 19.18
CA CYS A 47 11.33 -29.47 20.37
C CYS A 47 9.93 -28.98 20.04
N PHE A 48 8.94 -29.85 20.15
CA PHE A 48 7.59 -29.48 19.74
C PHE A 48 6.49 -30.02 20.63
N PHE A 49 5.32 -29.42 20.50
CA PHE A 49 4.15 -29.72 21.34
C PHE A 49 3.48 -31.06 21.03
N PRO A 50 3.22 -31.89 22.06
CA PRO A 50 2.37 -33.05 21.80
C PRO A 50 0.92 -32.61 21.77
N PRO A 51 0.04 -33.42 21.17
CA PRO A 51 -1.38 -33.10 21.14
C PRO A 51 -1.97 -32.80 22.54
N SER A 52 -1.39 -33.40 23.57
CA SER A 52 -1.87 -33.27 24.95
C SER A 52 -1.30 -32.06 25.72
N TYR A 53 -0.42 -31.29 25.11
CA TYR A 53 0.19 -30.17 25.82
C TYR A 53 -0.88 -29.28 26.46
N PRO A 54 -0.65 -28.81 27.70
CA PRO A 54 -1.66 -27.95 28.33
C PRO A 54 -1.92 -26.61 27.62
N SER A 55 -3.20 -26.35 27.37
CA SER A 55 -3.67 -25.15 26.72
C SER A 55 -4.72 -24.50 27.63
N TYR A 56 -5.63 -23.74 27.06
CA TYR A 56 -6.76 -23.24 27.82
C TYR A 56 -7.97 -24.17 27.58
N LYS A 57 -8.90 -24.15 28.52
CA LYS A 57 -10.15 -24.94 28.44
C LYS A 57 -11.40 -24.05 28.31
N LEU A 58 -12.30 -24.42 27.39
CA LEU A 58 -13.52 -23.65 27.13
C LEU A 58 -14.57 -24.04 28.14
N GLU A 59 -15.12 -23.06 28.85
CA GLU A 59 -16.13 -23.33 29.88
C GLU A 59 -17.23 -22.31 29.77
N ASN A 60 -18.44 -22.72 30.10
CA ASN A 60 -19.57 -21.81 30.15
C ASN A 60 -19.83 -21.04 28.86
N LEU A 61 -19.74 -21.73 27.72
CA LEU A 61 -20.08 -21.14 26.44
C LEU A 61 -21.56 -20.74 26.42
N SER A 62 -21.84 -19.50 26.01
CA SER A 62 -23.19 -18.94 26.01
C SER A 62 -23.45 -18.18 24.72
N SER A 63 -24.72 -18.09 24.32
CA SER A 63 -25.11 -17.40 23.09
C SER A 63 -25.94 -16.15 23.34
N SER A 64 -25.61 -15.05 22.64
CA SER A 64 -26.42 -13.82 22.66
C SER A 64 -26.86 -13.47 21.24
N GLU A 65 -27.55 -12.34 21.10
CA GLU A 65 -27.97 -11.81 19.79
C GLU A 65 -26.77 -11.40 18.92
N MET A 66 -25.71 -10.95 19.58
CA MET A 66 -24.50 -10.51 18.93
C MET A 66 -23.65 -11.70 18.45
N GLY A 67 -23.63 -12.78 19.24
CA GLY A 67 -22.88 -13.99 18.90
C GLY A 67 -22.66 -14.94 20.08
N TYR A 68 -21.40 -15.15 20.47
CA TYR A 68 -21.08 -16.08 21.56
C TYR A 68 -20.15 -15.46 22.59
N THR A 69 -20.25 -15.96 23.82
CA THR A 69 -19.37 -15.56 24.93
C THR A 69 -18.91 -16.79 25.75
N ALA A 70 -17.66 -16.77 26.20
CA ALA A 70 -17.11 -17.86 27.00
C ALA A 70 -15.93 -17.45 27.90
N THR A 71 -15.60 -18.38 28.79
CA THR A 71 -14.46 -18.22 29.68
C THR A 71 -13.41 -19.26 29.27
N LEU A 72 -12.15 -18.83 29.23
CA LEU A 72 -11.03 -19.72 28.92
C LEU A 72 -10.13 -19.82 30.16
N THR A 73 -9.89 -21.05 30.60
CA THR A 73 -9.10 -21.30 31.80
C THR A 73 -7.90 -22.20 31.52
N ARG A 74 -6.71 -21.74 31.91
CA ARG A 74 -5.49 -22.53 31.80
C ARG A 74 -5.15 -23.03 33.21
N THR A 75 -4.88 -24.33 33.33
CA THR A 75 -4.59 -24.97 34.62
C THR A 75 -3.10 -25.08 34.91
N THR A 76 -2.31 -25.29 33.85
CA THR A 76 -0.86 -25.47 33.97
C THR A 76 -0.12 -24.33 33.31
N PRO A 77 0.81 -23.69 34.03
CA PRO A 77 1.53 -22.56 33.42
C PRO A 77 2.46 -22.99 32.29
N THR A 78 2.73 -22.06 31.39
CA THR A 78 3.65 -22.25 30.28
C THR A 78 5.07 -21.92 30.74
N PHE A 79 6.01 -21.93 29.81
CA PHE A 79 7.38 -21.54 30.09
C PHE A 79 7.62 -20.03 30.06
N PHE A 80 6.62 -19.26 29.64
CA PHE A 80 6.72 -17.79 29.70
C PHE A 80 6.20 -17.25 31.02
N PRO A 81 6.81 -16.16 31.52
CA PRO A 81 6.29 -15.58 32.75
C PRO A 81 4.94 -14.88 32.58
N LYS A 82 4.19 -14.80 33.68
CA LYS A 82 2.95 -14.02 33.74
C LYS A 82 1.82 -14.53 32.85
N ASP A 83 1.58 -15.84 32.88
CA ASP A 83 0.42 -16.39 32.19
C ASP A 83 -0.81 -15.71 32.75
N ILE A 84 -1.78 -15.39 31.89
CA ILE A 84 -3.07 -14.90 32.33
C ILE A 84 -4.01 -16.11 32.26
N LEU A 85 -4.19 -16.75 33.40
CA LEU A 85 -4.87 -18.05 33.46
C LEU A 85 -6.38 -18.03 33.15
N THR A 86 -7.04 -16.88 33.32
CA THR A 86 -8.46 -16.78 33.02
C THR A 86 -8.69 -15.70 31.97
N LEU A 87 -9.31 -16.08 30.85
CA LEU A 87 -9.54 -15.17 29.74
C LEU A 87 -11.01 -15.15 29.41
N ARG A 88 -11.41 -14.15 28.64
CA ARG A 88 -12.79 -14.04 28.16
C ARG A 88 -12.79 -14.08 26.63
N LEU A 89 -13.66 -14.91 26.06
CA LEU A 89 -13.82 -15.02 24.61
C LEU A 89 -15.12 -14.33 24.20
N ASP A 90 -15.04 -13.51 23.16
CA ASP A 90 -16.21 -12.85 22.59
C ASP A 90 -16.21 -13.03 21.08
N VAL A 91 -17.31 -13.57 20.57
CA VAL A 91 -17.46 -13.84 19.16
C VAL A 91 -18.65 -13.04 18.68
N MET A 92 -18.40 -12.16 17.72
CA MET A 92 -19.42 -11.33 17.13
C MET A 92 -19.55 -11.67 15.67
N MET A 93 -20.77 -11.98 15.27
CA MET A 93 -21.09 -12.26 13.89
C MET A 93 -21.68 -10.97 13.35
N GLU A 94 -20.79 -10.13 12.81
CA GLU A 94 -21.11 -8.77 12.47
C GLU A 94 -21.88 -8.60 11.17
N THR A 95 -21.42 -9.27 10.11
CA THR A 95 -22.15 -9.30 8.84
C THR A 95 -22.05 -10.72 8.28
N GLU A 96 -22.72 -10.96 7.16
CA GLU A 96 -22.62 -12.26 6.50
C GLU A 96 -21.21 -12.56 5.96
N ASN A 97 -20.36 -11.54 5.83
CA ASN A 97 -18.97 -11.69 5.34
C ASN A 97 -17.89 -11.58 6.39
N ARG A 98 -18.22 -10.93 7.52
CA ARG A 98 -17.23 -10.62 8.55
C ARG A 98 -17.54 -11.24 9.90
N LEU A 99 -16.62 -12.08 10.36
CA LEU A 99 -16.70 -12.68 11.69
C LEU A 99 -15.60 -12.06 12.53
N HIS A 100 -15.91 -11.72 13.77
CA HIS A 100 -14.98 -10.95 14.64
C HIS A 100 -14.93 -11.58 16.02
N PHE A 101 -13.74 -11.93 16.50
CA PHE A 101 -13.64 -12.46 17.85
C PHE A 101 -12.45 -11.89 18.64
N THR A 102 -12.65 -11.77 19.94
CA THR A 102 -11.61 -11.23 20.79
C THR A 102 -11.35 -12.14 21.95
N ILE A 103 -10.10 -12.14 22.41
CA ILE A 103 -9.72 -12.89 23.62
C ILE A 103 -9.00 -11.89 24.55
N LYS A 104 -9.61 -11.62 25.69
CA LYS A 104 -9.12 -10.62 26.64
C LYS A 104 -8.98 -11.13 28.07
N ASP A 105 -8.32 -10.32 28.90
CA ASP A 105 -8.24 -10.56 30.32
C ASP A 105 -9.42 -9.82 30.91
N PRO A 106 -10.40 -10.55 31.47
CA PRO A 106 -11.59 -9.88 32.02
C PRO A 106 -11.36 -9.12 33.32
N ALA A 107 -10.20 -9.28 33.94
CA ALA A 107 -9.90 -8.61 35.20
C ALA A 107 -9.08 -7.33 35.03
N ASN A 108 -8.44 -7.15 33.88
CA ASN A 108 -7.64 -5.95 33.62
C ASN A 108 -7.78 -5.50 32.20
N ARG A 109 -8.02 -4.20 32.01
CA ARG A 109 -8.00 -3.62 30.69
C ARG A 109 -6.53 -3.72 30.26
N ARG A 110 -6.29 -4.24 29.06
CA ARG A 110 -4.95 -4.32 28.47
C ARG A 110 -4.89 -3.35 27.27
N TYR A 111 -3.70 -3.05 26.78
CA TYR A 111 -3.57 -2.16 25.63
C TYR A 111 -4.35 -2.68 24.42
N GLU A 112 -5.14 -1.80 23.82
CA GLU A 112 -5.84 -2.06 22.56
C GLU A 112 -5.50 -0.96 21.54
N VAL A 113 -5.45 -1.36 20.26
CA VAL A 113 -5.13 -0.44 19.18
C VAL A 113 -6.34 0.47 18.95
N PRO A 114 -6.13 1.80 18.89
CA PRO A 114 -7.30 2.64 18.58
C PRO A 114 -7.68 2.63 17.08
N LEU A 115 -8.93 2.25 16.80
CA LEU A 115 -9.49 2.18 15.44
C LEU A 115 -10.99 2.54 15.50
N GLU A 116 -11.48 3.19 14.44
CA GLU A 116 -12.88 3.61 14.36
C GLU A 116 -13.70 2.67 13.49
N ALA A 124 -29.73 -16.86 -0.36
CA ALA A 124 -30.17 -17.42 0.92
C ALA A 124 -29.62 -16.61 2.11
N PRO A 125 -30.49 -16.19 3.06
CA PRO A 125 -30.07 -15.36 4.21
C PRO A 125 -29.32 -16.14 5.28
N SER A 126 -28.00 -16.18 5.15
CA SER A 126 -27.15 -16.87 6.09
C SER A 126 -25.74 -16.33 5.88
N PRO A 127 -24.92 -16.35 6.94
CA PRO A 127 -23.55 -15.91 6.73
C PRO A 127 -22.78 -16.89 5.83
N LEU A 128 -21.66 -16.43 5.26
CA LEU A 128 -20.85 -17.26 4.37
C LEU A 128 -20.00 -18.20 5.19
N TYR A 129 -19.90 -17.93 6.50
CA TYR A 129 -19.13 -18.73 7.43
C TYR A 129 -20.02 -19.46 8.43
N SER A 130 -19.44 -20.47 9.08
CA SER A 130 -20.01 -21.05 10.30
C SER A 130 -18.86 -21.20 11.28
N VAL A 131 -19.16 -21.11 12.57
CA VAL A 131 -18.13 -21.21 13.61
C VAL A 131 -18.48 -22.28 14.64
N GLU A 132 -17.45 -23.00 15.09
CA GLU A 132 -17.57 -24.02 16.11
C GLU A 132 -16.37 -23.90 17.03
N PHE A 133 -16.43 -24.60 18.16
CA PHE A 133 -15.38 -24.51 19.14
C PHE A 133 -14.93 -25.88 19.62
N SER A 134 -13.64 -26.01 19.84
CA SER A 134 -13.08 -27.18 20.47
C SER A 134 -13.01 -26.86 21.97
N GLU A 135 -13.39 -27.81 22.82
CA GLU A 135 -13.46 -27.60 24.28
C GLU A 135 -12.10 -27.68 24.96
N GLU A 136 -11.39 -28.76 24.70
CA GLU A 136 -10.08 -28.98 25.30
C GLU A 136 -9.17 -29.87 24.44
N PRO A 137 -8.08 -29.34 23.90
CA PRO A 137 -7.66 -27.94 24.06
C PRO A 137 -8.56 -27.02 23.30
N PHE A 138 -8.75 -25.81 23.82
CA PHE A 138 -9.61 -24.82 23.20
C PHE A 138 -9.17 -24.44 21.79
N GLY A 139 -10.15 -24.31 20.89
CA GLY A 139 -9.91 -23.82 19.54
C GLY A 139 -11.16 -23.20 18.90
N VAL A 140 -10.95 -22.33 17.93
CA VAL A 140 -12.05 -21.75 17.16
C VAL A 140 -11.91 -22.30 15.75
N ILE A 141 -13.01 -22.82 15.21
CA ILE A 141 -13.03 -23.41 13.90
C ILE A 141 -13.96 -22.58 13.02
N VAL A 142 -13.46 -22.17 11.86
CA VAL A 142 -14.29 -21.41 10.94
C VAL A 142 -14.34 -22.13 9.58
N HIS A 143 -15.57 -22.51 9.21
CA HIS A 143 -15.83 -23.20 7.95
C HIS A 143 -16.42 -22.23 6.95
N ARG A 144 -16.02 -22.35 5.69
CA ARG A 144 -16.74 -21.70 4.59
C ARG A 144 -18.00 -22.54 4.41
N GLN A 145 -19.15 -21.92 4.54
CA GLN A 145 -20.43 -22.62 4.49
C GLN A 145 -20.69 -23.39 3.19
N LEU A 146 -20.44 -22.74 2.06
CA LEU A 146 -20.79 -23.30 0.77
C LEU A 146 -20.13 -24.64 0.48
N ASP A 147 -18.83 -24.78 0.71
CA ASP A 147 -18.11 -26.01 0.36
C ASP A 147 -17.57 -26.82 1.56
N GLY A 148 -17.95 -26.41 2.77
CA GLY A 148 -17.49 -27.09 4.00
C GLY A 148 -16.00 -26.97 4.34
N ARG A 149 -15.26 -26.14 3.62
CA ARG A 149 -13.81 -26.04 3.80
C ARG A 149 -13.42 -25.36 5.12
N VAL A 150 -12.35 -25.86 5.74
CA VAL A 150 -11.90 -25.37 7.04
C VAL A 150 -10.95 -24.22 6.79
N LEU A 151 -11.33 -23.03 7.26
CA LEU A 151 -10.57 -21.82 6.96
C LEU A 151 -9.64 -21.47 8.12
N LEU A 152 -10.19 -21.55 9.33
CA LEU A 152 -9.45 -21.29 10.54
C LEU A 152 -9.67 -22.45 11.51
N ASN A 153 -8.59 -22.90 12.15
CA ASN A 153 -8.68 -23.95 13.16
C ASN A 153 -7.55 -23.72 14.15
N THR A 154 -7.87 -23.09 15.28
CA THR A 154 -6.87 -22.71 16.27
C THR A 154 -6.55 -23.85 17.24
N THR A 155 -7.23 -24.98 17.09
CA THR A 155 -6.99 -26.17 17.92
C THR A 155 -5.64 -26.84 17.61
N VAL A 156 -5.04 -26.50 16.47
CA VAL A 156 -3.81 -27.13 16.00
C VAL A 156 -2.59 -26.93 16.90
N ALA A 157 -2.67 -25.92 17.77
CA ALA A 157 -1.58 -25.62 18.69
C ALA A 157 -2.16 -24.97 19.93
N PRO A 158 -1.39 -25.00 21.03
CA PRO A 158 -1.85 -24.38 22.27
C PRO A 158 -2.05 -22.89 22.14
N LEU A 159 -2.94 -22.34 22.94
CA LEU A 159 -3.10 -20.91 23.05
C LEU A 159 -2.17 -20.43 24.16
N PHE A 160 -1.35 -19.43 23.85
CA PHE A 160 -0.50 -18.78 24.84
C PHE A 160 -1.05 -17.38 25.04
N PHE A 161 -1.22 -16.99 26.30
CA PHE A 161 -1.67 -15.65 26.62
C PHE A 161 -0.97 -15.19 27.87
N ALA A 162 0.28 -14.78 27.71
CA ALA A 162 1.06 -14.24 28.81
C ALA A 162 1.13 -12.75 28.61
N ASP A 163 1.53 -12.04 29.66
CA ASP A 163 1.48 -10.59 29.63
C ASP A 163 2.20 -10.02 28.44
N GLN A 164 3.35 -10.61 28.11
CA GLN A 164 4.16 -10.19 26.96
C GLN A 164 4.34 -11.28 25.90
N PHE A 165 3.44 -12.25 25.88
CA PHE A 165 3.49 -13.27 24.83
C PHE A 165 2.12 -13.85 24.48
N LEU A 166 1.68 -13.57 23.28
CA LEU A 166 0.42 -14.10 22.78
C LEU A 166 0.75 -14.94 21.57
N GLN A 167 0.25 -16.17 21.55
CA GLN A 167 0.39 -17.01 20.39
C GLN A 167 -0.93 -17.71 20.11
N LEU A 168 -1.36 -17.56 18.86
CA LEU A 168 -2.57 -18.16 18.33
C LEU A 168 -2.18 -18.72 16.96
N SER A 169 -2.49 -19.99 16.73
CA SER A 169 -2.10 -20.66 15.51
C SER A 169 -3.32 -21.12 14.70
N THR A 170 -3.12 -21.39 13.42
CA THR A 170 -4.17 -21.98 12.60
C THR A 170 -3.62 -22.74 11.43
N SER A 171 -4.39 -23.73 11.00
CA SER A 171 -4.11 -24.38 9.73
C SER A 171 -4.46 -23.33 8.66
N LEU A 172 -3.81 -23.45 7.51
CA LEU A 172 -4.11 -22.63 6.34
C LEU A 172 -4.74 -23.55 5.29
N PRO A 173 -5.62 -23.01 4.42
CA PRO A 173 -6.33 -23.86 3.47
C PRO A 173 -5.50 -24.27 2.26
N SER A 174 -4.34 -23.66 2.08
CA SER A 174 -3.48 -23.97 0.94
C SER A 174 -2.08 -23.40 1.17
N GLN A 175 -1.19 -23.66 0.23
CA GLN A 175 0.19 -23.16 0.33
C GLN A 175 0.34 -21.71 -0.15
N TYR A 176 -0.78 -21.07 -0.50
CA TYR A 176 -0.81 -19.73 -1.09
C TYR A 176 -1.40 -18.72 -0.15
N ILE A 177 -0.54 -17.81 0.32
CA ILE A 177 -0.89 -16.78 1.29
C ILE A 177 -0.06 -15.53 1.00
N THR A 178 -0.68 -14.35 1.11
CA THR A 178 -0.04 -13.09 0.81
C THR A 178 -0.44 -12.06 1.85
N GLY A 179 0.46 -11.12 2.13
CA GLY A 179 0.20 -10.03 3.08
C GLY A 179 1.36 -9.85 4.02
N LEU A 180 1.05 -9.42 5.25
CA LEU A 180 2.05 -9.31 6.30
C LEU A 180 3.22 -8.36 5.95
N ALA A 181 2.87 -7.21 5.36
CA ALA A 181 3.83 -6.15 5.07
C ALA A 181 4.49 -5.62 6.36
N GLU A 182 5.63 -4.93 6.28
CA GLU A 182 6.33 -4.62 5.04
C GLU A 182 7.64 -5.40 4.94
N HIS A 183 7.76 -6.19 3.87
CA HIS A 183 8.95 -6.98 3.62
C HIS A 183 9.22 -7.06 2.12
N LEU A 184 10.47 -7.33 1.76
CA LEU A 184 10.87 -7.51 0.38
C LEU A 184 10.77 -9.00 0.10
N SER A 185 9.76 -9.40 -0.66
CA SER A 185 9.53 -10.81 -0.93
C SER A 185 8.63 -10.98 -2.14
N PRO A 186 8.51 -12.24 -2.63
CA PRO A 186 7.49 -12.47 -3.64
C PRO A 186 6.10 -12.19 -3.05
N LEU A 187 5.14 -11.89 -3.90
CA LEU A 187 3.78 -11.59 -3.45
C LEU A 187 3.24 -12.73 -2.60
N MET A 188 3.42 -13.96 -3.08
CA MET A 188 3.05 -15.16 -2.33
C MET A 188 4.20 -15.53 -1.40
N LEU A 189 3.89 -15.66 -0.12
CA LEU A 189 4.89 -15.90 0.93
C LEU A 189 5.26 -17.38 1.04
N SER A 190 6.49 -17.64 1.46
CA SER A 190 6.99 -19.00 1.62
C SER A 190 6.47 -19.59 2.93
N THR A 191 5.90 -20.80 2.85
CA THR A 191 5.43 -21.50 4.04
C THR A 191 6.48 -22.49 4.57
N SER A 192 7.71 -22.44 4.05
CA SER A 192 8.78 -23.33 4.50
C SER A 192 9.47 -22.80 5.78
N TRP A 193 8.77 -22.84 6.91
CA TRP A 193 9.35 -22.40 8.19
C TRP A 193 9.88 -20.98 8.04
N THR A 194 9.02 -20.09 7.57
CA THR A 194 9.36 -18.70 7.37
C THR A 194 8.97 -17.92 8.61
N ARG A 195 9.84 -17.05 9.07
CA ARG A 195 9.52 -16.13 10.16
C ARG A 195 9.39 -14.71 9.61
N ILE A 196 8.23 -14.10 9.81
CA ILE A 196 7.97 -12.77 9.28
C ILE A 196 7.77 -11.82 10.45
N THR A 197 8.71 -10.88 10.61
CA THR A 197 8.72 -9.96 11.74
C THR A 197 8.11 -8.59 11.41
N LEU A 198 7.18 -8.14 12.26
CA LEU A 198 6.54 -6.83 12.15
C LEU A 198 7.01 -5.91 13.30
N TRP A 199 7.98 -5.06 13.00
CA TRP A 199 8.50 -4.04 13.94
C TRP A 199 9.08 -2.93 13.06
N ASN A 200 8.37 -1.82 12.95
CA ASN A 200 8.78 -0.76 12.04
C ASN A 200 10.23 -0.38 12.27
N ARG A 201 11.00 -0.32 11.18
CA ARG A 201 12.44 -0.15 11.24
C ARG A 201 12.96 0.54 9.98
N ASP A 202 13.80 1.55 10.20
CA ASP A 202 14.52 2.24 9.12
C ASP A 202 15.65 1.31 8.68
N LEU A 203 15.43 0.64 7.56
CA LEU A 203 16.44 -0.23 6.97
C LEU A 203 16.16 -0.31 5.48
N ALA A 204 17.19 -0.09 4.67
CA ALA A 204 17.07 -0.23 3.20
C ALA A 204 16.51 -1.61 2.86
N PRO A 205 15.48 -1.67 2.01
CA PRO A 205 14.80 -2.94 1.68
C PRO A 205 15.74 -4.06 1.24
N THR A 206 15.68 -5.15 1.98
CA THR A 206 16.51 -6.34 1.77
C THR A 206 15.64 -7.48 2.29
N PRO A 207 15.72 -8.68 1.67
CA PRO A 207 14.86 -9.80 2.10
C PRO A 207 15.12 -10.27 3.53
N GLY A 208 14.11 -10.92 4.12
CA GLY A 208 14.21 -11.47 5.50
C GLY A 208 14.24 -10.48 6.66
N ALA A 209 14.03 -9.19 6.39
CA ALA A 209 14.17 -8.15 7.39
C ALA A 209 12.89 -7.37 7.61
N ASN A 210 12.58 -7.10 8.87
CA ASN A 210 11.48 -6.19 9.21
C ASN A 210 11.80 -4.81 8.63
N LEU A 211 10.88 -4.23 7.89
CA LEU A 211 11.12 -2.92 7.26
C LEU A 211 10.29 -1.82 7.88
N TYR A 212 9.99 -0.78 7.12
CA TYR A 212 9.40 0.45 7.65
C TYR A 212 7.98 0.35 8.22
N GLY A 213 7.19 -0.60 7.70
CA GLY A 213 5.79 -0.73 8.10
C GLY A 213 5.41 -2.11 8.55
N SER A 214 4.23 -2.21 9.16
CA SER A 214 3.70 -3.45 9.69
C SER A 214 2.21 -3.55 9.46
N HIS A 215 1.78 -4.59 8.73
CA HIS A 215 0.38 -4.80 8.46
C HIS A 215 -0.01 -6.23 8.83
N PRO A 216 -0.57 -6.43 10.04
CA PRO A 216 -0.90 -7.81 10.40
C PRO A 216 -2.18 -8.35 9.72
N PHE A 217 -2.11 -8.55 8.41
CA PHE A 217 -3.23 -9.08 7.64
C PHE A 217 -2.72 -10.00 6.57
N TYR A 218 -3.47 -11.07 6.31
CA TYR A 218 -3.15 -11.96 5.20
C TYR A 218 -4.41 -12.39 4.48
N LEU A 219 -4.22 -12.73 3.21
CA LEU A 219 -5.26 -13.23 2.35
C LEU A 219 -4.81 -14.63 1.94
N ALA A 220 -5.69 -15.63 2.10
CA ALA A 220 -5.36 -17.01 1.84
C ALA A 220 -6.25 -17.54 0.72
N LEU A 221 -5.65 -18.07 -0.33
CA LEU A 221 -6.41 -18.61 -1.45
C LEU A 221 -6.80 -20.06 -1.16
N GLU A 222 -7.94 -20.45 -1.72
CA GLU A 222 -8.46 -21.79 -1.59
C GLU A 222 -8.56 -22.43 -2.96
N ASP A 223 -8.35 -23.74 -3.02
CA ASP A 223 -8.42 -24.51 -4.24
C ASP A 223 -9.76 -24.17 -4.92
N GLY A 224 -9.69 -23.82 -6.20
CA GLY A 224 -10.88 -23.44 -6.96
C GLY A 224 -11.04 -21.95 -7.19
N GLY A 225 -10.29 -21.14 -6.46
CA GLY A 225 -10.34 -19.69 -6.65
C GLY A 225 -11.00 -18.85 -5.57
N SER A 226 -11.61 -19.45 -4.55
CA SER A 226 -12.15 -18.69 -3.43
C SER A 226 -11.00 -18.21 -2.52
N ALA A 227 -11.31 -17.30 -1.61
CA ALA A 227 -10.31 -16.78 -0.68
C ALA A 227 -10.96 -16.18 0.55
N HIS A 228 -10.12 -15.96 1.58
CA HIS A 228 -10.55 -15.31 2.79
C HIS A 228 -9.38 -14.53 3.37
N GLY A 229 -9.68 -13.60 4.26
CA GLY A 229 -8.65 -12.79 4.89
C GLY A 229 -8.74 -12.82 6.40
N VAL A 230 -7.60 -12.69 7.06
CA VAL A 230 -7.58 -12.56 8.52
C VAL A 230 -6.79 -11.33 8.90
N PHE A 231 -7.33 -10.54 9.81
CA PHE A 231 -6.65 -9.34 10.30
C PHE A 231 -6.56 -9.51 11.80
N LEU A 232 -5.36 -9.37 12.36
CA LEU A 232 -5.15 -9.39 13.79
C LEU A 232 -4.89 -7.95 14.20
N LEU A 233 -5.88 -7.33 14.82
CA LEU A 233 -5.75 -5.94 15.23
C LEU A 233 -4.86 -5.83 16.46
N ASN A 234 -3.55 -5.85 16.22
CA ASN A 234 -2.52 -5.80 17.27
C ASN A 234 -1.31 -4.99 16.74
N SER A 235 -0.87 -4.02 17.54
CA SER A 235 0.20 -3.12 17.09
C SER A 235 1.55 -3.40 17.73
N ASN A 236 1.66 -4.50 18.49
CA ASN A 236 2.92 -4.87 19.16
C ASN A 236 3.93 -5.53 18.24
N ALA A 237 5.17 -5.59 18.71
CA ALA A 237 6.20 -6.30 17.97
C ALA A 237 5.73 -7.73 17.85
N MET A 238 5.76 -8.29 16.65
CA MET A 238 5.32 -9.66 16.48
C MET A 238 6.06 -10.42 15.39
N ASP A 239 6.09 -11.74 15.56
CA ASP A 239 6.57 -12.67 14.54
C ASP A 239 5.34 -13.40 14.05
N VAL A 240 5.26 -13.62 12.74
CA VAL A 240 4.24 -14.49 12.17
C VAL A 240 5.04 -15.65 11.57
N VAL A 241 4.80 -16.87 12.07
CA VAL A 241 5.54 -18.06 11.65
C VAL A 241 4.71 -18.94 10.69
N LEU A 242 5.26 -19.21 9.51
CA LEU A 242 4.57 -20.05 8.54
C LEU A 242 5.20 -21.43 8.42
N GLN A 243 4.37 -22.46 8.32
CA GLN A 243 4.77 -23.87 8.24
C GLN A 243 4.19 -24.52 7.00
N PRO A 244 4.88 -25.56 6.51
CA PRO A 244 4.48 -26.26 5.29
C PRO A 244 3.26 -27.21 5.39
N SER A 245 2.67 -27.40 6.57
CA SER A 245 1.49 -28.31 6.71
C SER A 245 0.25 -28.08 5.80
N PRO A 246 -0.15 -26.83 5.51
CA PRO A 246 0.40 -25.57 5.96
C PRO A 246 -0.32 -25.01 7.16
N ALA A 247 0.38 -24.16 7.90
CA ALA A 247 -0.17 -23.52 9.07
C ALA A 247 0.56 -22.22 9.41
N LEU A 248 -0.04 -21.46 10.31
CA LEU A 248 0.43 -20.15 10.65
C LEU A 248 0.29 -19.89 12.15
N SER A 249 1.25 -19.15 12.70
CA SER A 249 1.23 -18.79 14.12
C SER A 249 1.46 -17.30 14.29
N TRP A 250 0.54 -16.64 15.00
CA TRP A 250 0.71 -15.25 15.36
C TRP A 250 1.43 -15.21 16.70
N ARG A 251 2.55 -14.50 16.79
CA ARG A 251 3.26 -14.33 18.07
C ARG A 251 3.45 -12.86 18.38
N SER A 252 2.63 -12.33 19.26
CA SER A 252 2.76 -10.93 19.62
C SER A 252 3.30 -10.79 21.02
N THR A 253 3.90 -9.64 21.28
CA THR A 253 4.52 -9.34 22.55
C THR A 253 3.65 -8.51 23.48
N GLY A 254 2.39 -8.29 23.11
CA GLY A 254 1.51 -7.50 23.95
C GLY A 254 0.08 -7.44 23.49
N GLY A 255 -0.66 -6.56 24.16
CA GLY A 255 -2.06 -6.35 23.85
C GLY A 255 -2.96 -7.55 24.02
N ILE A 256 -3.97 -7.64 23.15
CA ILE A 256 -4.93 -8.72 23.18
C ILE A 256 -5.03 -9.40 21.82
N LEU A 257 -5.81 -10.48 21.74
CA LEU A 257 -6.09 -11.08 20.44
C LEU A 257 -7.42 -10.51 19.95
N ASP A 258 -7.36 -9.74 18.87
CA ASP A 258 -8.56 -9.13 18.27
C ASP A 258 -8.50 -9.52 16.80
N VAL A 259 -9.33 -10.49 16.43
CA VAL A 259 -9.25 -11.17 15.14
C VAL A 259 -10.51 -11.02 14.30
N TYR A 260 -10.32 -10.61 13.04
CA TYR A 260 -11.39 -10.53 12.05
C TYR A 260 -11.17 -11.55 10.95
N ILE A 261 -12.23 -12.21 10.52
CA ILE A 261 -12.15 -13.13 9.38
C ILE A 261 -13.10 -12.64 8.28
N PHE A 262 -12.56 -12.47 7.07
CA PHE A 262 -13.33 -11.98 5.91
C PHE A 262 -13.55 -13.11 4.93
N LEU A 263 -14.80 -13.27 4.52
CA LEU A 263 -15.20 -14.47 3.78
C LEU A 263 -15.19 -14.42 2.27
N GLY A 264 -14.92 -13.27 1.67
CA GLY A 264 -14.86 -13.19 0.21
C GLY A 264 -16.25 -13.37 -0.40
N PRO A 265 -16.45 -14.42 -1.24
CA PRO A 265 -15.50 -15.48 -1.62
C PRO A 265 -14.39 -15.05 -2.57
N GLU A 266 -14.59 -13.94 -3.28
CA GLU A 266 -13.61 -13.48 -4.25
C GLU A 266 -12.51 -12.67 -3.55
N PRO A 267 -11.27 -12.83 -4.01
CA PRO A 267 -10.15 -12.09 -3.45
C PRO A 267 -10.36 -10.59 -3.44
N LYS A 268 -11.01 -10.05 -4.46
CA LYS A 268 -11.30 -8.62 -4.46
C LYS A 268 -12.25 -8.28 -3.33
N SER A 269 -13.23 -9.14 -3.06
CA SER A 269 -14.16 -8.92 -1.94
C SER A 269 -13.49 -9.08 -0.58
N VAL A 270 -12.51 -9.98 -0.47
CA VAL A 270 -11.78 -10.09 0.76
C VAL A 270 -11.14 -8.73 1.07
N VAL A 271 -10.43 -8.19 0.08
CA VAL A 271 -9.75 -6.90 0.22
C VAL A 271 -10.75 -5.82 0.57
N GLN A 272 -11.86 -5.78 -0.15
CA GLN A 272 -12.89 -4.79 0.13
C GLN A 272 -13.44 -4.92 1.53
N GLN A 273 -13.65 -6.15 1.98
CA GLN A 273 -14.20 -6.41 3.32
C GLN A 273 -13.22 -5.97 4.43
N TYR A 274 -11.93 -6.22 4.23
CA TYR A 274 -10.93 -5.78 5.21
C TYR A 274 -10.89 -4.25 5.28
N LEU A 275 -10.95 -3.60 4.11
CA LEU A 275 -10.93 -2.13 4.06
C LEU A 275 -12.17 -1.53 4.67
N ASP A 276 -13.23 -2.32 4.77
CA ASP A 276 -14.42 -1.88 5.50
C ASP A 276 -14.14 -1.61 6.95
N VAL A 277 -13.30 -2.45 7.53
CA VAL A 277 -12.89 -2.31 8.93
C VAL A 277 -11.81 -1.25 9.14
N VAL A 278 -10.76 -1.24 8.31
CA VAL A 278 -9.64 -0.31 8.51
C VAL A 278 -9.76 1.02 7.78
N GLY A 279 -10.66 1.10 6.80
CA GLY A 279 -10.93 2.35 6.08
C GLY A 279 -10.59 2.23 4.60
N TYR A 280 -11.43 2.85 3.77
CA TYR A 280 -11.18 2.91 2.36
C TYR A 280 -10.11 3.96 2.07
N PRO A 281 -9.24 3.69 1.07
CA PRO A 281 -8.22 4.63 0.61
C PRO A 281 -8.76 6.04 0.44
N PHE A 282 -7.97 7.03 0.85
CA PHE A 282 -8.38 8.42 0.68
C PHE A 282 -8.32 8.76 -0.80
N MET A 283 -9.07 9.76 -1.22
CA MET A 283 -9.05 10.18 -2.62
C MET A 283 -7.96 11.23 -2.84
N PRO A 284 -6.98 10.93 -3.68
CA PRO A 284 -5.94 11.92 -3.91
C PRO A 284 -6.40 13.05 -4.85
N PRO A 285 -5.71 14.20 -4.80
CA PRO A 285 -5.98 15.21 -5.81
C PRO A 285 -5.45 14.70 -7.14
N TYR A 286 -6.10 15.09 -8.23
CA TYR A 286 -5.71 14.67 -9.58
C TYR A 286 -4.22 14.95 -9.84
N TRP A 287 -3.77 16.14 -9.49
CA TRP A 287 -2.36 16.49 -9.72
C TRP A 287 -1.43 15.52 -9.03
N GLY A 288 -1.88 14.88 -7.97
CA GLY A 288 -1.06 13.92 -7.27
C GLY A 288 -0.68 12.69 -8.11
N LEU A 289 -1.46 12.44 -9.16
CA LEU A 289 -1.26 11.29 -10.04
C LEU A 289 -0.34 11.60 -11.19
N GLY A 290 0.17 12.83 -11.25
CA GLY A 290 1.14 13.21 -12.25
C GLY A 290 2.56 12.85 -11.85
N PHE A 291 3.52 13.32 -12.62
CA PHE A 291 4.91 12.99 -12.36
C PHE A 291 5.50 13.88 -11.27
N HIS A 292 6.15 13.25 -10.30
CA HIS A 292 6.86 13.96 -9.23
C HIS A 292 8.36 13.76 -9.46
N LEU A 293 9.15 14.80 -9.18
CA LEU A 293 10.59 14.69 -9.35
C LEU A 293 11.33 15.32 -8.17
N CYS A 294 12.28 14.55 -7.62
CA CYS A 294 13.02 14.95 -6.45
C CYS A 294 14.46 14.41 -6.43
N ARG A 295 15.28 14.99 -5.56
CA ARG A 295 16.56 14.37 -5.16
C ARG A 295 17.12 15.09 -3.96
N TRP A 296 17.92 14.39 -3.18
CA TRP A 296 18.69 15.05 -2.16
C TRP A 296 19.80 15.66 -3.00
N GLY A 297 19.98 16.97 -2.95
CA GLY A 297 21.04 17.63 -3.72
C GLY A 297 20.65 18.82 -4.59
N TYR A 298 19.38 19.21 -4.58
CA TYR A 298 19.00 20.46 -5.25
C TYR A 298 19.27 21.57 -4.21
N SER A 299 20.52 22.05 -4.19
CA SER A 299 21.05 22.92 -3.10
C SER A 299 20.50 24.32 -3.02
N SER A 300 19.92 24.83 -4.11
CA SER A 300 19.43 26.20 -4.16
C SER A 300 18.16 26.28 -5.00
N THR A 301 17.41 27.36 -4.82
CA THR A 301 16.22 27.60 -5.63
C THR A 301 16.57 27.77 -7.12
N ALA A 302 17.77 28.26 -7.40
CA ALA A 302 18.23 28.40 -8.78
C ALA A 302 18.41 27.04 -9.46
N ILE A 303 18.98 26.09 -8.72
CA ILE A 303 19.12 24.71 -9.22
C ILE A 303 17.75 24.04 -9.32
N THR A 304 16.91 24.21 -8.30
CA THR A 304 15.56 23.63 -8.30
C THR A 304 14.72 24.16 -9.49
N ARG A 305 14.76 25.48 -9.74
CA ARG A 305 14.10 26.03 -10.93
C ARG A 305 14.65 25.45 -12.25
N GLN A 306 15.94 25.13 -12.27
CA GLN A 306 16.57 24.52 -13.47
C GLN A 306 15.97 23.17 -13.83
N VAL A 307 15.58 22.40 -12.83
CA VAL A 307 14.97 21.09 -13.06
C VAL A 307 13.70 21.29 -13.86
N VAL A 308 12.83 22.20 -13.41
CA VAL A 308 11.57 22.48 -14.11
C VAL A 308 11.85 22.99 -15.53
N GLU A 309 12.84 23.86 -15.63
CA GLU A 309 13.24 24.42 -16.90
C GLU A 309 13.72 23.32 -17.83
N ASN A 310 14.64 22.49 -17.33
CA ASN A 310 15.19 21.42 -18.15
C ASN A 310 14.19 20.34 -18.52
N MET A 311 13.23 20.06 -17.65
CA MET A 311 12.19 19.07 -17.97
C MET A 311 11.30 19.66 -19.05
N THR A 312 10.86 20.89 -18.82
CA THR A 312 9.95 21.60 -19.70
C THR A 312 10.56 21.74 -21.10
N ARG A 313 11.80 22.21 -21.14
CA ARG A 313 12.56 22.31 -22.39
C ARG A 313 12.56 21.03 -23.23
N ALA A 314 12.58 19.87 -22.56
CA ALA A 314 12.68 18.57 -23.25
C ALA A 314 11.35 17.83 -23.40
N HIS A 315 10.24 18.57 -23.23
CA HIS A 315 8.88 18.04 -23.37
C HIS A 315 8.54 16.89 -22.43
N PHE A 316 9.05 16.97 -21.21
CA PHE A 316 8.78 15.97 -20.20
C PHE A 316 7.78 16.56 -19.23
N PRO A 317 6.62 15.91 -19.09
CA PRO A 317 5.64 16.38 -18.11
C PRO A 317 6.20 16.37 -16.70
N LEU A 318 5.78 17.35 -15.90
CA LEU A 318 6.13 17.40 -14.48
C LEU A 318 5.06 18.20 -13.76
N ASP A 319 4.35 17.58 -12.83
CA ASP A 319 3.31 18.26 -12.05
C ASP A 319 3.82 18.83 -10.76
N VAL A 320 4.71 18.09 -10.10
CA VAL A 320 5.16 18.44 -8.78
C VAL A 320 6.67 18.40 -8.61
N GLN A 321 7.25 19.55 -8.24
CA GLN A 321 8.68 19.65 -7.94
C GLN A 321 8.84 19.48 -6.44
N TRP A 322 9.86 18.74 -6.04
CA TRP A 322 10.08 18.44 -4.63
C TRP A 322 11.47 18.94 -4.20
N ASN A 323 11.66 19.04 -2.90
CA ASN A 323 12.97 19.28 -2.31
C ASN A 323 13.15 18.37 -1.11
N ASP A 324 14.36 17.91 -0.93
CA ASP A 324 14.73 17.11 0.23
C ASP A 324 15.28 18.09 1.28
N LEU A 325 16.11 17.60 2.20
CA LEU A 325 16.69 18.42 3.28
C LEU A 325 17.34 19.76 2.86
N ASP A 326 17.78 19.86 1.60
CA ASP A 326 18.42 21.07 1.07
C ASP A 326 17.78 22.39 1.50
N TYR A 327 16.44 22.46 1.49
CA TYR A 327 15.71 23.72 1.73
C TYR A 327 15.84 24.25 3.15
N MET A 328 15.96 23.34 4.10
CA MET A 328 15.94 23.69 5.50
C MET A 328 17.17 24.47 5.93
N ASP A 329 17.05 25.13 7.08
CA ASP A 329 18.17 25.75 7.75
C ASP A 329 18.75 24.72 8.74
N SER A 330 19.95 24.21 8.41
CA SER A 330 20.65 23.24 9.23
C SER A 330 19.80 21.99 9.51
N ARG A 331 19.04 21.60 8.48
CA ARG A 331 18.28 20.36 8.51
C ARG A 331 17.19 20.30 9.58
N ARG A 332 16.56 21.45 9.85
CA ARG A 332 15.48 21.52 10.84
C ARG A 332 14.15 21.80 10.15
N ASP A 333 13.09 21.17 10.68
CA ASP A 333 11.73 21.38 10.17
C ASP A 333 11.29 22.81 10.32
N PHE A 334 10.46 23.24 9.37
CA PHE A 334 9.73 24.51 9.45
C PHE A 334 10.67 25.71 9.46
N THR A 335 11.79 25.57 8.76
CA THR A 335 12.72 26.66 8.51
C THR A 335 13.17 26.51 7.06
N PHE A 336 13.75 27.59 6.52
CA PHE A 336 14.48 27.49 5.26
C PHE A 336 15.72 28.37 5.35
N ASN A 337 16.83 27.91 4.79
CA ASN A 337 18.11 28.64 4.88
C ASN A 337 18.11 29.89 4.02
N LYS A 338 18.96 30.85 4.41
CA LYS A 338 19.00 32.16 3.76
C LYS A 338 20.15 32.32 2.76
N ASP A 339 20.79 31.21 2.36
CA ASP A 339 21.84 31.26 1.34
C ASP A 339 21.23 30.78 0.03
N GLY A 340 21.11 29.46 -0.10
CA GLY A 340 20.58 28.84 -1.31
C GLY A 340 19.08 29.01 -1.46
N PHE A 341 18.36 29.09 -0.36
CA PHE A 341 16.90 29.18 -0.39
C PHE A 341 16.31 30.49 0.14
N ARG A 342 17.07 31.57 0.00
CA ARG A 342 16.65 32.91 0.44
C ARG A 342 15.28 33.31 -0.11
N ASP A 343 15.00 32.96 -1.36
CA ASP A 343 13.72 33.30 -2.02
C ASP A 343 12.84 32.06 -2.26
N PHE A 344 12.88 31.14 -1.31
CA PHE A 344 12.06 29.94 -1.34
C PHE A 344 10.59 30.28 -1.60
N PRO A 345 10.01 31.26 -0.86
CA PRO A 345 8.60 31.58 -1.09
C PRO A 345 8.27 31.89 -2.55
N ALA A 346 9.07 32.77 -3.15
CA ALA A 346 8.87 33.16 -4.54
C ALA A 346 9.00 32.00 -5.51
N MET A 347 9.95 31.09 -5.25
CA MET A 347 10.09 29.90 -6.09
C MET A 347 8.80 29.11 -6.11
N VAL A 348 8.24 28.83 -4.94
CA VAL A 348 7.01 28.03 -4.85
C VAL A 348 5.81 28.77 -5.45
N GLN A 349 5.77 30.10 -5.28
CA GLN A 349 4.71 30.91 -5.90
C GLN A 349 4.81 30.86 -7.41
N GLU A 350 6.04 30.91 -7.94
CA GLU A 350 6.26 30.78 -9.39
C GLU A 350 5.79 29.43 -9.93
N LEU A 351 6.10 28.38 -9.19
CA LEU A 351 5.67 27.04 -9.57
C LEU A 351 4.15 27.00 -9.76
N HIS A 352 3.44 27.64 -8.83
CA HIS A 352 1.98 27.70 -8.87
C HIS A 352 1.52 28.49 -10.09
N GLN A 353 2.12 29.65 -10.32
CA GLN A 353 1.77 30.47 -11.47
C GLN A 353 1.84 29.65 -12.76
N GLY A 354 2.82 28.76 -12.84
CA GLY A 354 3.00 27.90 -14.01
C GLY A 354 2.13 26.66 -14.10
N GLY A 355 1.23 26.42 -13.14
CA GLY A 355 0.34 25.23 -13.17
C GLY A 355 0.87 23.98 -12.49
N ARG A 356 1.88 24.14 -11.63
CA ARG A 356 2.52 23.04 -10.91
C ARG A 356 2.33 23.12 -9.39
N ARG A 357 2.68 22.02 -8.71
CA ARG A 357 2.59 21.94 -7.25
C ARG A 357 3.96 21.78 -6.64
N TYR A 358 4.05 21.94 -5.32
CA TYR A 358 5.32 21.83 -4.63
C TYR A 358 5.23 20.91 -3.40
N MET A 359 6.21 20.01 -3.25
CA MET A 359 6.28 19.09 -2.10
C MET A 359 7.66 19.19 -1.46
N MET A 360 7.74 18.97 -0.17
CA MET A 360 9.02 18.93 0.50
C MET A 360 8.98 18.00 1.68
N ILE A 361 10.15 17.52 2.06
CA ILE A 361 10.28 16.57 3.16
C ILE A 361 10.05 17.21 4.52
N VAL A 362 9.40 16.47 5.40
CA VAL A 362 9.26 16.84 6.79
C VAL A 362 9.65 15.61 7.61
N ASP A 363 10.42 15.83 8.68
CA ASP A 363 10.83 14.77 9.58
C ASP A 363 10.01 14.94 10.88
N PRO A 364 9.87 13.86 11.70
CA PRO A 364 9.10 14.02 12.94
C PRO A 364 9.92 14.66 14.04
N ALA A 365 11.18 14.28 14.12
CA ALA A 365 12.04 14.68 15.20
C ALA A 365 12.43 16.17 15.09
N ILE A 366 12.34 16.86 16.23
CA ILE A 366 12.53 18.32 16.31
C ILE A 366 13.83 18.68 17.08
N SER A 367 14.67 19.51 16.46
CA SER A 367 15.94 19.87 17.07
C SER A 367 15.78 20.46 18.47
N SER A 368 16.53 19.92 19.43
CA SER A 368 16.41 20.31 20.82
C SER A 368 17.65 21.05 21.39
N SER A 369 18.60 21.37 20.55
CA SER A 369 19.91 21.87 21.00
C SER A 369 20.14 23.35 20.76
N GLY A 370 19.20 24.02 20.11
CA GLY A 370 19.35 25.45 19.84
C GLY A 370 19.18 26.20 21.16
N PRO A 371 19.65 27.46 21.22
CA PRO A 371 19.42 28.23 22.42
C PRO A 371 17.93 28.42 22.67
N ALA A 372 17.53 28.48 23.93
CA ALA A 372 16.13 28.67 24.27
C ALA A 372 15.59 29.91 23.57
N GLY A 373 14.39 29.81 23.06
CA GLY A 373 13.76 30.94 22.40
C GLY A 373 14.23 31.21 20.98
N SER A 374 15.16 30.41 20.45
CA SER A 374 15.64 30.62 19.08
C SER A 374 14.96 29.74 17.99
N TYR A 375 14.23 28.71 18.39
CA TYR A 375 13.61 27.78 17.41
C TYR A 375 12.19 27.42 17.88
N ARG A 376 11.21 28.13 17.32
CA ARG A 376 9.82 28.03 17.78
C ARG A 376 9.25 26.62 17.89
N PRO A 377 9.49 25.74 16.90
CA PRO A 377 8.91 24.39 16.98
C PRO A 377 9.28 23.63 18.24
N TYR A 378 10.54 23.73 18.65
CA TYR A 378 10.97 23.09 19.87
C TYR A 378 10.45 23.87 21.07
N ASP A 379 10.70 25.18 21.09
CA ASP A 379 10.30 26.01 22.25
C ASP A 379 8.79 25.84 22.53
N GLU A 380 7.97 25.92 21.49
CA GLU A 380 6.52 25.73 21.62
C GLU A 380 6.19 24.33 22.06
N GLY A 381 6.87 23.35 21.48
CA GLY A 381 6.62 21.95 21.80
C GLY A 381 6.97 21.60 23.24
N LEU A 382 8.04 22.19 23.72
CA LEU A 382 8.46 21.99 25.09
C LEU A 382 7.42 22.59 26.04
N ARG A 383 6.96 23.80 25.71
CA ARG A 383 5.94 24.52 26.47
C ARG A 383 4.62 23.74 26.57
N ARG A 384 4.20 23.14 25.45
CA ARG A 384 2.90 22.46 25.41
C ARG A 384 2.99 20.98 25.77
N GLY A 385 4.20 20.47 26.00
CA GLY A 385 4.40 19.08 26.37
C GLY A 385 4.04 18.09 25.26
N VAL A 386 4.54 18.34 24.05
CA VAL A 386 4.15 17.53 22.89
C VAL A 386 5.02 16.29 22.65
N PHE A 387 6.17 16.24 23.34
CA PHE A 387 7.18 15.22 23.11
C PHE A 387 7.06 13.97 23.95
N ILE A 388 7.63 12.90 23.42
CA ILE A 388 7.67 11.62 24.11
C ILE A 388 8.65 11.80 25.24
N THR A 389 8.28 11.31 26.42
CA THR A 389 9.11 11.51 27.61
C THR A 389 9.66 10.22 28.17
N ASN A 390 10.68 10.37 29.02
CA ASN A 390 11.39 9.23 29.60
C ASN A 390 11.00 8.96 31.05
N GLU A 391 11.72 8.05 31.67
CA GLU A 391 11.51 7.64 33.06
C GLU A 391 11.35 8.82 34.02
N THR A 392 12.18 9.84 33.88
CA THR A 392 12.13 11.02 34.75
C THR A 392 11.14 12.10 34.26
N GLY A 393 10.48 11.87 33.14
CA GLY A 393 9.49 12.82 32.63
C GLY A 393 10.01 13.88 31.67
N GLN A 394 11.33 13.94 31.45
CA GLN A 394 11.87 14.88 30.49
C GLN A 394 11.73 14.33 29.06
N PRO A 395 11.84 15.19 28.05
CA PRO A 395 11.74 14.66 26.69
C PRO A 395 12.88 13.70 26.39
N LEU A 396 12.58 12.64 25.65
CA LEU A 396 13.59 11.70 25.21
C LEU A 396 14.37 12.36 24.08
N ILE A 397 15.69 12.28 24.14
CA ILE A 397 16.54 12.92 23.14
C ILE A 397 17.37 11.90 22.38
N GLY A 398 17.22 11.85 21.06
CA GLY A 398 17.99 10.96 20.19
C GLY A 398 18.77 11.77 19.17
N LYS A 399 19.19 11.14 18.08
CA LYS A 399 19.96 11.81 17.03
C LYS A 399 19.34 11.56 15.68
N VAL A 400 19.08 12.63 14.94
CA VAL A 400 18.69 12.50 13.55
C VAL A 400 19.45 13.58 12.77
N TRP A 401 18.91 14.03 11.64
CA TRP A 401 19.68 14.88 10.74
C TRP A 401 20.21 16.17 11.37
N PRO A 402 19.39 16.89 12.15
CA PRO A 402 19.88 18.16 12.69
C PRO A 402 20.78 18.04 13.89
N GLY A 403 20.89 16.84 14.46
CA GLY A 403 21.65 16.61 15.69
C GLY A 403 20.71 16.07 16.75
N SER A 404 20.82 16.58 17.97
CA SER A 404 19.98 16.14 19.09
C SER A 404 18.53 16.49 18.78
N THR A 405 17.62 15.54 19.03
CA THR A 405 16.22 15.77 18.73
C THR A 405 15.27 15.16 19.73
N ALA A 406 14.15 15.83 19.91
CA ALA A 406 13.04 15.30 20.68
C ALA A 406 12.02 14.78 19.66
N PHE A 407 11.20 13.84 20.08
CA PHE A 407 10.23 13.18 19.20
C PHE A 407 8.79 13.49 19.58
N PRO A 408 8.02 14.10 18.66
CA PRO A 408 6.60 14.34 18.93
C PRO A 408 5.81 13.07 19.21
N ASP A 409 4.87 13.16 20.15
CA ASP A 409 3.92 12.07 20.48
C ASP A 409 2.62 12.35 19.74
N PHE A 410 2.39 11.69 18.62
CA PHE A 410 1.18 11.97 17.83
C PHE A 410 -0.09 11.29 18.36
N THR A 411 -0.01 10.66 19.54
CA THR A 411 -1.21 10.18 20.23
C THR A 411 -1.74 11.19 21.26
N ASN A 412 -0.99 12.29 21.46
CA ASN A 412 -1.35 13.36 22.41
C ASN A 412 -2.11 14.48 21.68
N PRO A 413 -3.38 14.71 22.03
CA PRO A 413 -4.19 15.75 21.35
C PRO A 413 -3.51 17.12 21.24
N THR A 414 -2.77 17.52 22.27
CA THR A 414 -2.05 18.79 22.24
C THR A 414 -0.96 18.81 21.17
N ALA A 415 -0.30 17.68 20.95
CA ALA A 415 0.72 17.59 19.92
C ALA A 415 0.07 17.65 18.55
N LEU A 416 -1.12 17.07 18.41
CA LEU A 416 -1.87 17.19 17.16
C LEU A 416 -2.09 18.68 16.84
N ALA A 417 -2.55 19.43 17.85
CA ALA A 417 -2.79 20.89 17.71
C ALA A 417 -1.51 21.66 17.41
N TRP A 418 -0.41 21.29 18.07
CA TRP A 418 0.88 21.92 17.82
C TRP A 418 1.34 21.66 16.38
N TRP A 419 1.21 20.41 15.94
CA TRP A 419 1.59 20.05 14.57
C TRP A 419 0.78 20.85 13.57
N GLU A 420 -0.53 20.99 13.80
CA GLU A 420 -1.39 21.81 12.91
C GLU A 420 -0.87 23.25 12.84
N ASP A 421 -0.52 23.80 14.00
CA ASP A 421 0.00 25.16 14.04
C ASP A 421 1.32 25.33 13.29
N MET A 422 2.27 24.42 13.51
CA MET A 422 3.58 24.51 12.88
C MET A 422 3.45 24.41 11.38
N VAL A 423 2.59 23.48 10.95
CA VAL A 423 2.29 23.33 9.54
C VAL A 423 1.63 24.61 8.99
N ALA A 424 0.57 25.09 9.65
CA ALA A 424 -0.12 26.29 9.17
C ALA A 424 0.84 27.49 9.08
N GLU A 425 1.65 27.68 10.11
CA GLU A 425 2.58 28.80 10.15
C GLU A 425 3.60 28.74 9.02
N PHE A 426 4.13 27.55 8.75
CA PHE A 426 5.13 27.41 7.71
C PHE A 426 4.48 27.58 6.35
N HIS A 427 3.27 27.06 6.19
CA HIS A 427 2.50 27.27 4.97
C HIS A 427 2.23 28.75 4.71
N ASP A 428 2.09 29.58 5.76
CA ASP A 428 1.94 31.05 5.57
C ASP A 428 3.19 31.67 4.95
N GLN A 429 4.35 31.07 5.21
CA GLN A 429 5.60 31.53 4.62
C GLN A 429 5.83 30.95 3.21
N VAL A 430 5.58 29.66 3.05
CA VAL A 430 5.83 28.96 1.79
C VAL A 430 4.66 28.02 1.47
N PRO A 431 3.85 28.33 0.46
CA PRO A 431 2.63 27.56 0.23
C PRO A 431 2.81 26.18 -0.44
N PHE A 432 3.40 25.26 0.31
CA PHE A 432 3.60 23.90 -0.15
C PHE A 432 2.23 23.21 -0.27
N ASP A 433 2.15 22.20 -1.12
CA ASP A 433 0.86 21.55 -1.44
C ASP A 433 0.66 20.18 -0.82
N GLY A 434 1.67 19.69 -0.11
CA GLY A 434 1.57 18.42 0.58
C GLY A 434 2.79 18.18 1.43
N MET A 435 2.83 17.02 2.07
CA MET A 435 3.93 16.71 2.96
C MET A 435 4.50 15.34 2.65
N TRP A 436 5.82 15.31 2.53
CA TRP A 436 6.56 14.06 2.39
C TRP A 436 7.11 13.79 3.78
N ILE A 437 6.58 12.78 4.47
CA ILE A 437 6.95 12.50 5.87
C ILE A 437 7.82 11.25 5.96
N ASP A 438 9.05 11.46 6.41
CA ASP A 438 10.07 10.45 6.42
C ASP A 438 10.50 10.15 7.87
N MET A 439 11.41 9.18 8.05
CA MET A 439 12.05 8.86 9.34
C MET A 439 11.06 8.60 10.50
N ASN A 440 9.85 8.17 10.16
CA ASN A 440 8.75 8.11 11.12
C ASN A 440 8.44 6.71 11.63
N GLU A 441 9.50 5.92 11.79
CA GLU A 441 9.37 4.61 12.39
C GLU A 441 9.12 4.61 13.91
N PRO A 442 9.71 5.56 14.67
CA PRO A 442 10.61 6.62 14.27
C PRO A 442 12.08 6.22 14.20
N SER A 443 12.77 6.80 13.24
CA SER A 443 14.16 6.48 12.98
C SER A 443 15.07 7.25 13.94
N ASN A 444 16.05 6.55 14.52
CA ASN A 444 17.01 7.10 15.46
C ASN A 444 18.44 6.66 15.04
N PHE A 445 19.37 7.61 14.99
CA PHE A 445 20.77 7.29 14.62
C PHE A 445 21.54 6.63 15.72
N ILE A 446 21.05 6.72 16.94
CA ILE A 446 21.68 6.04 18.07
C ILE A 446 20.62 5.14 18.68
N ARG A 447 21.08 4.24 19.54
CA ARG A 447 20.21 3.24 20.16
C ARG A 447 19.41 3.77 21.36
N GLY A 448 18.10 3.89 21.20
CA GLY A 448 17.22 4.32 22.27
C GLY A 448 17.19 5.81 22.55
N SER A 449 18.27 6.34 23.10
CA SER A 449 18.37 7.77 23.41
C SER A 449 19.81 8.13 23.74
N GLU A 450 20.11 9.41 23.74
CA GLU A 450 21.42 9.88 24.16
C GLU A 450 21.84 9.32 25.52
N ASP A 451 20.86 9.01 26.37
CA ASP A 451 21.10 8.55 27.73
C ASP A 451 20.77 7.08 27.91
N GLY A 452 20.77 6.33 26.80
CA GLY A 452 20.46 4.92 26.83
C GLY A 452 19.04 4.68 27.30
N CYS A 453 18.75 3.44 27.68
CA CYS A 453 17.42 3.08 28.16
C CYS A 453 17.51 2.36 29.50
N PRO A 454 16.45 2.45 30.30
CA PRO A 454 16.47 1.71 31.55
C PRO A 454 16.44 0.19 31.35
N ASN A 455 16.63 -0.52 32.45
CA ASN A 455 16.60 -1.95 32.44
C ASN A 455 15.28 -2.42 33.06
N ASN A 456 14.29 -2.70 32.19
CA ASN A 456 12.98 -3.19 32.62
C ASN A 456 12.45 -4.23 31.63
N GLU A 457 11.24 -4.72 31.90
CA GLU A 457 10.60 -5.77 31.10
C GLU A 457 10.19 -5.32 29.69
N LEU A 458 9.89 -4.03 29.51
CA LEU A 458 9.56 -3.49 28.19
C LEU A 458 10.79 -3.39 27.29
N GLU A 459 11.92 -2.96 27.83
CA GLU A 459 13.17 -2.87 27.07
C GLU A 459 13.80 -4.26 26.84
N ASN A 460 13.64 -5.16 27.80
CA ASN A 460 14.17 -6.53 27.73
C ASN A 460 13.06 -7.56 27.94
N PRO A 461 12.19 -7.73 26.93
CA PRO A 461 11.05 -8.63 27.04
C PRO A 461 11.42 -10.12 27.01
N PRO A 462 10.52 -10.99 27.50
CA PRO A 462 10.76 -12.44 27.52
C PRO A 462 10.79 -13.06 26.13
N TYR A 463 10.11 -12.46 25.16
CA TYR A 463 10.22 -12.89 23.77
C TYR A 463 10.55 -11.69 22.89
N VAL A 464 11.66 -11.79 22.16
CA VAL A 464 12.06 -10.73 21.24
C VAL A 464 11.86 -11.28 19.83
N PRO A 465 10.99 -10.66 19.04
CA PRO A 465 10.83 -11.14 17.66
C PRO A 465 12.12 -11.00 16.85
N GLY A 466 12.17 -11.63 15.68
CA GLY A 466 13.39 -11.62 14.85
C GLY A 466 13.70 -10.30 14.16
N VAL A 467 13.78 -9.23 14.92
CA VAL A 467 14.07 -7.92 14.37
C VAL A 467 15.55 -7.78 14.06
N VAL A 468 15.86 -6.99 13.03
CA VAL A 468 17.24 -6.68 12.72
C VAL A 468 17.83 -5.96 13.94
N GLY A 469 18.98 -6.45 14.39
CA GLY A 469 19.65 -5.89 15.52
C GLY A 469 19.40 -6.62 16.81
N GLY A 470 18.41 -7.51 16.83
CA GLY A 470 18.15 -8.34 18.01
C GLY A 470 17.62 -7.62 19.23
N THR A 471 17.17 -6.39 19.06
CA THR A 471 16.62 -5.59 20.15
C THR A 471 15.59 -4.62 19.59
N LEU A 472 14.55 -4.34 20.36
CA LEU A 472 13.52 -3.39 19.92
C LEU A 472 14.04 -1.96 19.81
N GLN A 473 15.06 -1.65 20.61
CA GLN A 473 15.64 -0.30 20.66
C GLN A 473 16.46 0.07 19.44
N ALA A 474 16.90 -0.92 18.69
CA ALA A 474 17.81 -0.68 17.55
C ALA A 474 17.21 0.22 16.49
N ALA A 475 17.98 1.26 16.14
CA ALA A 475 17.61 2.24 15.13
C ALA A 475 16.38 3.05 15.51
N THR A 476 16.01 3.04 16.79
CA THR A 476 14.79 3.73 17.22
C THR A 476 14.89 4.18 18.67
N ILE A 477 13.76 4.58 19.26
CA ILE A 477 13.75 5.09 20.64
C ILE A 477 13.43 3.99 21.64
N CYS A 478 13.59 4.28 22.92
CA CYS A 478 13.37 3.31 24.00
C CYS A 478 11.93 2.81 24.07
N ALA A 479 11.76 1.50 24.22
CA ALA A 479 10.45 0.89 24.30
C ALA A 479 9.62 1.36 25.49
N SER A 480 10.25 1.69 26.61
CA SER A 480 9.52 2.06 27.81
C SER A 480 9.23 3.57 27.94
N SER A 481 9.59 4.33 26.91
CA SER A 481 9.28 5.75 26.87
C SER A 481 7.77 5.97 26.85
N HIS A 482 7.37 7.16 27.32
CA HIS A 482 5.96 7.49 27.54
C HIS A 482 5.29 8.27 26.41
N GLN A 483 4.08 7.83 26.06
CA GLN A 483 3.20 8.55 25.17
C GLN A 483 1.84 8.68 25.87
N PHE A 484 0.97 9.51 25.30
CA PHE A 484 -0.30 9.83 25.92
C PHE A 484 -1.21 8.62 26.05
N LEU A 485 -1.26 7.79 25.03
CA LEU A 485 -2.11 6.59 25.09
C LEU A 485 -1.47 5.42 25.81
N SER A 486 -0.15 5.27 25.71
CA SER A 486 0.51 4.11 26.31
C SER A 486 2.01 4.24 26.18
N THR A 487 2.72 3.17 26.53
CA THR A 487 4.15 3.12 26.31
C THR A 487 4.43 2.89 24.83
N HIS A 488 5.61 3.33 24.41
CA HIS A 488 6.04 3.21 23.02
C HIS A 488 6.06 1.74 22.57
N TYR A 489 6.31 0.85 23.54
CA TYR A 489 6.31 -0.59 23.30
C TYR A 489 5.06 -1.05 22.56
N ASN A 490 3.90 -0.55 22.97
CA ASN A 490 2.63 -0.89 22.31
C ASN A 490 2.34 -0.06 21.05
N LEU A 491 2.79 1.20 21.07
CA LEU A 491 2.46 2.19 20.04
C LEU A 491 3.48 2.37 18.93
N HIS A 492 4.65 1.75 19.06
CA HIS A 492 5.73 1.95 18.08
C HIS A 492 5.29 1.73 16.62
N ASN A 493 4.64 0.60 16.33
CA ASN A 493 4.21 0.30 14.97
C ASN A 493 3.19 1.30 14.45
N LEU A 494 2.59 2.09 15.34
CA LEU A 494 1.65 3.14 14.95
C LEU A 494 2.27 4.52 14.79
N TYR A 495 3.56 4.69 15.05
CA TYR A 495 4.14 6.05 15.00
C TYR A 495 3.89 6.74 13.66
N GLY A 496 4.35 6.12 12.58
CA GLY A 496 4.16 6.63 11.22
C GLY A 496 2.71 6.96 10.86
N LEU A 497 1.82 6.02 11.20
CA LEU A 497 0.38 6.15 10.97
C LEU A 497 -0.16 7.38 11.68
N THR A 498 0.16 7.52 12.97
CA THR A 498 -0.34 8.64 13.75
C THR A 498 0.14 9.97 13.19
N GLU A 499 1.42 10.04 12.80
CA GLU A 499 1.91 11.25 12.14
C GLU A 499 1.17 11.54 10.84
N ALA A 500 0.82 10.48 10.12
CA ALA A 500 0.10 10.62 8.85
C ALA A 500 -1.27 11.18 9.11
N ILE A 501 -1.95 10.65 10.12
CA ILE A 501 -3.25 11.16 10.54
C ILE A 501 -3.12 12.63 10.93
N ALA A 502 -2.07 12.96 11.68
CA ALA A 502 -1.88 14.31 12.14
C ALA A 502 -1.60 15.24 10.98
N SER A 503 -0.80 14.78 10.03
CA SER A 503 -0.45 15.57 8.85
C SER A 503 -1.62 15.75 7.89
N HIS A 504 -2.50 14.74 7.81
CA HIS A 504 -3.74 14.79 7.02
C HIS A 504 -4.59 15.96 7.50
N ARG A 505 -4.89 15.98 8.80
CA ARG A 505 -5.71 17.05 9.39
CA ARG A 505 -5.71 17.03 9.39
C ARG A 505 -5.03 18.41 9.28
N ALA A 506 -3.71 18.43 9.41
CA ALA A 506 -2.98 19.69 9.34
C ALA A 506 -3.10 20.34 7.96
N LEU A 507 -3.04 19.52 6.92
CA LEU A 507 -3.13 20.00 5.54
C LEU A 507 -4.54 20.42 5.16
N VAL A 508 -5.53 19.80 5.78
CA VAL A 508 -6.91 20.18 5.54
C VAL A 508 -7.18 21.58 6.10
N LYS A 509 -6.72 21.83 7.31
CA LYS A 509 -6.91 23.12 7.95
C LYS A 509 -6.11 24.21 7.27
N ALA A 510 -4.88 23.90 6.88
CA ALA A 510 -4.03 24.90 6.26
C ALA A 510 -4.44 25.28 4.85
N ARG A 511 -4.99 24.34 4.08
CA ARG A 511 -5.26 24.58 2.64
C ARG A 511 -6.72 24.51 2.19
N GLY A 512 -7.55 23.78 2.92
CA GLY A 512 -8.97 23.66 2.57
C GLY A 512 -9.29 22.76 1.37
N THR A 513 -8.28 22.06 0.87
CA THR A 513 -8.46 21.13 -0.24
C THR A 513 -7.86 19.77 0.14
N ARG A 514 -8.06 18.76 -0.69
CA ARG A 514 -7.60 17.42 -0.36
C ARG A 514 -6.14 17.39 0.07
N PRO A 515 -5.82 16.68 1.15
CA PRO A 515 -4.42 16.57 1.51
C PRO A 515 -3.64 15.54 0.65
N PHE A 516 -2.34 15.74 0.55
CA PHE A 516 -1.44 14.81 -0.16
C PHE A 516 -0.24 14.49 0.75
N VAL A 517 -0.33 13.33 1.39
CA VAL A 517 0.69 12.92 2.31
C VAL A 517 1.32 11.65 1.81
N ILE A 518 2.65 11.66 1.72
CA ILE A 518 3.41 10.49 1.35
C ILE A 518 4.27 10.08 2.54
N SER A 519 4.06 8.87 3.04
CA SER A 519 4.72 8.41 4.24
C SER A 519 5.64 7.20 4.03
N ARG A 520 6.70 7.12 4.83
CA ARG A 520 7.55 5.95 4.78
C ARG A 520 7.00 4.86 5.70
N SER A 521 6.86 5.17 6.99
CA SER A 521 6.36 4.18 7.95
C SER A 521 4.85 4.15 7.93
N THR A 522 4.30 2.95 7.98
CA THR A 522 2.87 2.75 7.88
C THR A 522 2.38 1.64 8.80
N PHE A 523 1.07 1.63 9.04
CA PHE A 523 0.41 0.52 9.73
C PHE A 523 -0.90 0.25 8.99
N ALA A 524 -1.54 -0.89 9.28
CA ALA A 524 -2.83 -1.19 8.71
C ALA A 524 -3.80 -0.02 8.88
N GLY A 525 -4.49 0.33 7.79
CA GLY A 525 -5.43 1.44 7.79
C GLY A 525 -4.81 2.76 7.35
N HIS A 526 -3.51 2.72 7.06
CA HIS A 526 -2.74 3.89 6.63
C HIS A 526 -3.33 4.57 5.40
N GLY A 527 -3.92 3.77 4.50
CA GLY A 527 -4.44 4.25 3.23
C GLY A 527 -5.60 5.21 3.33
N ARG A 528 -6.30 5.18 4.47
CA ARG A 528 -7.39 6.12 4.69
C ARG A 528 -6.87 7.55 4.79
N TYR A 529 -5.57 7.72 4.98
CA TYR A 529 -5.00 9.04 5.22
C TYR A 529 -3.86 9.44 4.30
N ALA A 530 -3.10 8.47 3.81
CA ALA A 530 -1.89 8.77 3.09
C ALA A 530 -1.47 7.68 2.14
N GLY A 531 -0.45 8.01 1.35
CA GLY A 531 0.21 7.08 0.48
C GLY A 531 1.56 6.66 1.05
N HIS A 532 2.35 5.99 0.21
CA HIS A 532 3.60 5.40 0.63
C HIS A 532 4.57 5.22 -0.53
N TRP A 533 5.87 5.36 -0.24
CA TRP A 533 6.90 4.97 -1.21
C TRP A 533 7.75 3.92 -0.52
N THR A 534 8.43 3.09 -1.30
CA THR A 534 9.06 1.88 -0.76
C THR A 534 10.39 2.09 -0.06
N GLY A 535 10.87 3.32 -0.05
CA GLY A 535 12.09 3.65 0.69
C GLY A 535 13.35 3.59 -0.12
N ASP A 536 14.46 3.29 0.56
CA ASP A 536 15.77 3.41 -0.02
C ASP A 536 16.16 2.19 -0.81
N VAL A 537 15.49 2.00 -1.92
CA VAL A 537 15.81 0.88 -2.79
C VAL A 537 17.07 1.19 -3.57
N TRP A 538 17.85 0.17 -3.84
CA TRP A 538 19.04 0.30 -4.68
C TRP A 538 18.67 0.48 -6.16
N SER A 539 19.52 1.18 -6.92
CA SER A 539 19.35 1.28 -8.38
C SER A 539 19.90 0.00 -8.99
N SER A 540 19.10 -1.07 -8.91
CA SER A 540 19.49 -2.38 -9.43
C SER A 540 18.30 -3.04 -10.11
N TRP A 541 18.60 -3.98 -10.99
CA TRP A 541 17.58 -4.77 -11.68
C TRP A 541 16.79 -5.60 -10.69
N GLU A 542 17.49 -6.19 -9.74
CA GLU A 542 16.85 -6.93 -8.67
C GLU A 542 15.73 -6.11 -8.01
N GLN A 543 16.03 -4.86 -7.64
CA GLN A 543 15.06 -3.99 -6.97
C GLN A 543 13.92 -3.50 -7.87
N LEU A 544 14.23 -3.24 -9.13
CA LEU A 544 13.20 -2.90 -10.10
C LEU A 544 12.18 -4.05 -10.14
N ALA A 545 12.67 -5.28 -10.27
CA ALA A 545 11.80 -6.45 -10.32
C ALA A 545 10.98 -6.59 -9.03
N SER A 546 11.66 -6.42 -7.89
CA SER A 546 11.03 -6.56 -6.58
C SER A 546 9.96 -5.51 -6.27
N SER A 547 9.97 -4.39 -7.00
CA SER A 547 9.00 -3.33 -6.74
C SER A 547 7.60 -3.71 -7.21
N VAL A 548 7.49 -4.64 -8.15
CA VAL A 548 6.19 -5.04 -8.69
C VAL A 548 5.38 -5.78 -7.64
N PRO A 549 5.95 -6.83 -7.02
CA PRO A 549 5.20 -7.48 -5.94
C PRO A 549 4.88 -6.55 -4.77
N GLU A 550 5.79 -5.65 -4.44
CA GLU A 550 5.58 -4.79 -3.28
C GLU A 550 4.51 -3.74 -3.55
N ILE A 551 4.47 -3.20 -4.77
CA ILE A 551 3.43 -2.24 -5.14
C ILE A 551 2.07 -2.93 -5.10
N LEU A 552 2.01 -4.18 -5.53
CA LEU A 552 0.77 -4.95 -5.52
C LEU A 552 0.38 -5.30 -4.08
N GLN A 553 1.36 -5.61 -3.26
CA GLN A 553 1.10 -5.94 -1.86
C GLN A 553 0.38 -4.78 -1.19
N PHE A 554 0.90 -3.57 -1.37
CA PHE A 554 0.31 -2.39 -0.75
C PHE A 554 -1.09 -2.06 -1.25
N ASN A 555 -1.39 -2.35 -2.52
CA ASN A 555 -2.76 -2.20 -3.01
C ASN A 555 -3.70 -3.20 -2.34
N LEU A 556 -3.23 -4.42 -2.10
CA LEU A 556 -4.06 -5.41 -1.40
C LEU A 556 -4.33 -4.97 0.05
N LEU A 557 -3.42 -4.15 0.59
CA LEU A 557 -3.53 -3.63 1.96
C LEU A 557 -4.18 -2.26 2.03
N GLY A 558 -4.85 -1.87 0.96
CA GLY A 558 -5.60 -0.64 0.95
C GLY A 558 -4.78 0.62 0.93
N VAL A 559 -3.56 0.53 0.40
CA VAL A 559 -2.73 1.70 0.20
C VAL A 559 -2.42 1.80 -1.28
N PRO A 560 -3.43 2.10 -2.11
CA PRO A 560 -3.17 2.13 -3.54
C PRO A 560 -2.15 3.19 -3.99
N LEU A 561 -2.07 4.33 -3.29
CA LEU A 561 -1.13 5.39 -3.70
C LEU A 561 0.28 5.02 -3.23
N VAL A 562 0.90 4.13 -4.00
CA VAL A 562 2.20 3.57 -3.65
C VAL A 562 3.08 3.51 -4.89
N GLY A 563 4.39 3.56 -4.66
CA GLY A 563 5.37 3.44 -5.72
C GLY A 563 6.78 3.34 -5.13
N ALA A 564 7.74 3.06 -5.98
CA ALA A 564 9.14 3.01 -5.59
C ALA A 564 9.84 4.15 -6.32
N ASP A 565 10.97 4.59 -5.76
CA ASP A 565 11.74 5.63 -6.38
C ASP A 565 12.15 5.21 -7.80
N VAL A 566 11.62 5.91 -8.80
CA VAL A 566 11.89 5.59 -10.21
C VAL A 566 13.36 5.78 -10.56
N CYS A 567 13.96 4.70 -11.06
CA CYS A 567 15.39 4.57 -11.38
C CYS A 567 16.24 4.27 -10.15
N GLY A 568 15.57 4.13 -8.99
CA GLY A 568 16.25 3.74 -7.76
C GLY A 568 16.84 4.89 -6.97
N PHE A 569 16.98 4.68 -5.67
CA PHE A 569 17.47 5.72 -4.79
C PHE A 569 18.97 5.59 -4.54
N LEU A 570 19.41 4.43 -4.08
CA LEU A 570 20.82 4.25 -3.73
C LEU A 570 21.71 3.91 -4.92
N GLY A 571 22.97 4.30 -4.82
CA GLY A 571 23.91 4.06 -5.90
C GLY A 571 23.62 4.83 -7.17
N ASN A 572 24.27 4.43 -8.26
CA ASN A 572 24.16 5.10 -9.54
C ASN A 572 23.39 4.22 -10.48
N THR A 573 22.38 4.80 -11.13
CA THR A 573 21.56 4.08 -12.07
C THR A 573 22.31 4.00 -13.39
N SER A 574 21.88 3.09 -14.26
CA SER A 574 22.38 3.01 -15.63
C SER A 574 21.29 3.56 -16.53
N GLU A 575 21.68 3.97 -17.72
CA GLU A 575 20.71 4.50 -18.67
C GLU A 575 19.65 3.45 -19.00
N GLU A 576 20.09 2.22 -19.26
CA GLU A 576 19.17 1.15 -19.60
C GLU A 576 18.20 0.90 -18.46
N LEU A 577 18.72 0.83 -17.24
CA LEU A 577 17.89 0.57 -16.06
C LEU A 577 16.87 1.67 -15.84
N CYS A 578 17.28 2.91 -16.11
CA CYS A 578 16.38 4.04 -15.90
C CYS A 578 15.29 4.09 -16.98
N VAL A 579 15.58 3.60 -18.18
CA VAL A 579 14.57 3.49 -19.23
C VAL A 579 13.52 2.46 -18.80
N ARG A 580 13.99 1.29 -18.39
CA ARG A 580 13.11 0.22 -17.96
C ARG A 580 12.36 0.56 -16.70
N TRP A 581 13.00 1.28 -15.77
CA TRP A 581 12.36 1.64 -14.51
C TRP A 581 11.27 2.69 -14.75
N THR A 582 11.54 3.63 -15.64
CA THR A 582 10.58 4.67 -15.98
C THR A 582 9.36 4.10 -16.70
N GLN A 583 9.61 3.11 -17.55
CA GLN A 583 8.54 2.40 -18.26
C GLN A 583 7.61 1.69 -17.31
N LEU A 584 8.17 0.85 -16.44
CA LEU A 584 7.36 0.20 -15.42
C LEU A 584 6.83 1.25 -14.43
N GLY A 585 7.71 2.19 -14.06
CA GLY A 585 7.39 3.24 -13.09
C GLY A 585 6.17 4.08 -13.44
N ALA A 586 6.03 4.36 -14.73
CA ALA A 586 4.84 5.06 -15.20
C ALA A 586 3.54 4.36 -14.84
N PHE A 587 3.63 3.08 -14.45
CA PHE A 587 2.45 2.36 -13.97
C PHE A 587 2.36 2.19 -12.46
N TYR A 588 3.28 2.83 -11.71
CA TYR A 588 3.14 2.87 -10.27
C TYR A 588 2.01 3.86 -10.05
N PRO A 589 1.03 3.52 -9.23
CA PRO A 589 -0.01 4.52 -9.03
C PRO A 589 0.58 5.85 -8.55
N PHE A 590 1.61 5.80 -7.73
CA PHE A 590 2.38 7.00 -7.30
C PHE A 590 3.73 6.98 -8.00
N MET A 591 3.95 7.94 -8.90
CA MET A 591 5.16 7.96 -9.70
C MET A 591 6.07 9.12 -9.33
N ARG A 592 7.18 8.78 -8.67
CA ARG A 592 8.19 9.76 -8.32
C ARG A 592 9.59 9.23 -8.63
N ASN A 593 10.40 10.06 -9.25
CA ASN A 593 11.80 9.78 -9.43
C ASN A 593 12.51 10.57 -8.31
N HIS A 594 13.24 9.84 -7.48
CA HIS A 594 13.97 10.38 -6.35
C HIS A 594 15.36 9.74 -6.35
N ASN A 595 16.34 10.48 -5.83
CA ASN A 595 17.77 10.12 -5.98
C ASN A 595 18.60 10.61 -4.81
N SER A 596 19.61 9.82 -4.42
CA SER A 596 20.37 10.16 -3.23
C SER A 596 21.41 11.26 -3.48
N LEU A 597 21.97 11.79 -2.40
CA LEU A 597 22.88 12.94 -2.47
C LEU A 597 24.13 12.66 -3.29
N LEU A 598 24.71 11.49 -3.07
CA LEU A 598 25.97 11.10 -3.69
C LEU A 598 25.80 10.70 -5.17
N SER A 599 24.64 10.16 -5.49
CA SER A 599 24.40 9.58 -6.82
C SER A 599 24.53 10.54 -8.00
N LEU A 600 24.66 9.95 -9.18
CA LEU A 600 24.65 10.66 -10.46
C LEU A 600 23.23 11.09 -10.87
N PRO A 601 23.11 12.19 -11.63
CA PRO A 601 21.77 12.62 -12.01
C PRO A 601 21.04 11.54 -12.77
N GLN A 602 19.73 11.48 -12.54
CA GLN A 602 18.89 10.51 -13.23
C GLN A 602 17.57 11.15 -13.66
N GLU A 603 17.56 12.46 -13.90
CA GLU A 603 16.37 13.14 -14.40
C GLU A 603 16.16 12.72 -15.86
N PRO A 604 14.90 12.61 -16.32
CA PRO A 604 14.68 12.14 -17.69
C PRO A 604 15.52 12.87 -18.73
N TYR A 605 15.70 14.18 -18.53
CA TYR A 605 16.48 15.01 -19.44
C TYR A 605 17.99 14.84 -19.37
N SER A 606 18.51 14.07 -18.41
CA SER A 606 19.97 13.89 -18.29
C SER A 606 20.53 12.67 -19.05
N PHE A 607 19.71 12.06 -19.89
CA PHE A 607 20.12 10.88 -20.68
C PHE A 607 20.21 11.16 -22.18
N SER A 608 20.69 10.17 -22.94
CA SER A 608 20.78 10.27 -24.39
C SER A 608 19.39 10.38 -25.03
N GLU A 609 19.38 10.85 -26.27
CA GLU A 609 18.13 11.12 -26.97
C GLU A 609 17.22 9.88 -27.12
N PRO A 610 17.80 8.72 -27.45
CA PRO A 610 16.91 7.57 -27.58
C PRO A 610 16.32 7.17 -26.24
N ALA A 611 17.08 7.39 -25.16
CA ALA A 611 16.58 7.09 -23.81
C ALA A 611 15.48 8.08 -23.47
N GLN A 612 15.73 9.36 -23.73
CA GLN A 612 14.72 10.42 -23.55
C GLN A 612 13.42 10.15 -24.31
N GLN A 613 13.52 9.69 -25.55
CA GLN A 613 12.33 9.37 -26.32
C GLN A 613 11.52 8.28 -25.63
N ALA A 614 12.21 7.22 -25.22
CA ALA A 614 11.57 6.13 -24.53
C ALA A 614 10.92 6.63 -23.25
N MET A 615 11.63 7.48 -22.54
CA MET A 615 11.13 8.04 -21.29
C MET A 615 9.94 9.00 -21.52
N ARG A 616 10.01 9.79 -22.58
CA ARG A 616 8.93 10.71 -22.95
C ARG A 616 7.66 9.95 -23.32
N LYS A 617 7.82 8.83 -24.01
CA LYS A 617 6.68 8.01 -24.39
C LYS A 617 5.96 7.43 -23.17
N ALA A 618 6.74 6.99 -22.18
CA ALA A 618 6.15 6.44 -20.96
C ALA A 618 5.28 7.45 -20.23
N LEU A 619 5.82 8.65 -20.02
CA LEU A 619 5.12 9.72 -19.30
C LEU A 619 3.91 10.21 -20.07
N THR A 620 4.04 10.27 -21.40
CA THR A 620 2.96 10.69 -22.30
C THR A 620 1.75 9.76 -22.17
N LEU A 621 2.03 8.46 -22.20
CA LEU A 621 1.02 7.44 -22.04
C LEU A 621 0.37 7.55 -20.65
N ARG A 622 1.17 7.72 -19.61
CA ARG A 622 0.60 7.86 -18.26
C ARG A 622 -0.35 9.04 -18.25
N TYR A 623 0.11 10.19 -18.71
CA TYR A 623 -0.73 11.39 -18.74
C TYR A 623 -2.00 11.16 -19.57
N ALA A 624 -1.88 10.53 -20.73
CA ALA A 624 -3.07 10.22 -21.52
C ALA A 624 -4.05 9.36 -20.73
N LEU A 625 -3.52 8.45 -19.91
CA LEU A 625 -4.34 7.53 -19.12
C LEU A 625 -4.92 8.07 -17.79
N LEU A 626 -4.57 9.30 -17.43
CA LEU A 626 -4.93 9.84 -16.13
C LEU A 626 -6.41 9.81 -15.77
N PRO A 627 -7.30 10.18 -16.70
CA PRO A 627 -8.74 10.07 -16.36
C PRO A 627 -9.17 8.66 -15.94
N HIS A 628 -8.54 7.66 -16.53
CA HIS A 628 -8.83 6.29 -16.16
C HIS A 628 -8.22 5.99 -14.77
N LEU A 629 -6.94 6.35 -14.60
CA LEU A 629 -6.26 6.16 -13.33
C LEU A 629 -7.04 6.81 -12.18
N TYR A 630 -7.46 8.05 -12.40
CA TYR A 630 -8.30 8.77 -11.44
C TYR A 630 -9.62 8.04 -11.17
N THR A 631 -10.19 7.45 -12.21
CA THR A 631 -11.46 6.77 -12.07
C THR A 631 -11.23 5.53 -11.20
N LEU A 632 -10.11 4.85 -11.44
CA LEU A 632 -9.72 3.71 -10.60
C LEU A 632 -9.56 4.10 -9.13
N PHE A 633 -8.96 5.26 -8.85
CA PHE A 633 -8.81 5.74 -7.48
C PHE A 633 -10.16 6.05 -6.83
N HIS A 634 -11.09 6.57 -7.64
CA HIS A 634 -12.45 6.80 -7.17
C HIS A 634 -13.04 5.50 -6.67
N GLN A 635 -12.90 4.45 -7.47
CA GLN A 635 -13.41 3.12 -7.12
C GLN A 635 -12.71 2.61 -5.87
N ALA A 636 -11.42 2.90 -5.74
CA ALA A 636 -10.72 2.52 -4.52
C ALA A 636 -11.31 3.27 -3.34
N HIS A 637 -11.56 4.56 -3.54
CA HIS A 637 -12.08 5.38 -2.46
C HIS A 637 -13.52 5.05 -2.05
N VAL A 638 -14.37 4.70 -3.01
CA VAL A 638 -15.80 4.48 -2.70
C VAL A 638 -16.19 3.02 -2.50
N ALA A 639 -15.42 2.09 -3.08
CA ALA A 639 -15.79 0.67 -3.06
C ALA A 639 -14.71 -0.28 -2.50
N GLY A 640 -13.59 0.26 -2.00
CA GLY A 640 -12.51 -0.59 -1.49
C GLY A 640 -11.81 -1.43 -2.56
N GLU A 641 -11.86 -0.95 -3.80
CA GLU A 641 -11.18 -1.60 -4.90
C GLU A 641 -9.68 -1.33 -4.82
N THR A 642 -8.92 -2.15 -5.53
CA THR A 642 -7.48 -1.91 -5.72
C THR A 642 -7.30 -1.17 -7.04
N VAL A 643 -6.28 -0.32 -7.08
CA VAL A 643 -5.94 0.41 -8.31
C VAL A 643 -5.00 -0.45 -9.13
N ALA A 644 -3.89 -0.87 -8.54
CA ALA A 644 -2.97 -1.78 -9.22
C ALA A 644 -3.20 -3.14 -8.59
N ARG A 645 -3.38 -4.18 -9.41
CA ARG A 645 -3.71 -5.50 -8.83
C ARG A 645 -3.04 -6.66 -9.51
N PRO A 646 -2.74 -7.72 -8.73
CA PRO A 646 -2.16 -8.89 -9.36
C PRO A 646 -3.20 -9.62 -10.20
N LEU A 647 -2.74 -10.36 -11.19
CA LEU A 647 -3.63 -11.11 -12.06
C LEU A 647 -4.59 -11.99 -11.28
N PHE A 648 -4.12 -12.60 -10.19
CA PHE A 648 -4.98 -13.51 -9.44
C PHE A 648 -6.22 -12.83 -8.81
N LEU A 649 -6.17 -11.53 -8.60
CA LEU A 649 -7.31 -10.82 -7.98
C LEU A 649 -8.45 -10.74 -8.98
N GLU A 650 -8.06 -10.62 -10.25
CA GLU A 650 -8.98 -10.50 -11.37
C GLU A 650 -9.35 -11.86 -12.01
N PHE A 651 -8.41 -12.81 -12.03
CA PHE A 651 -8.67 -14.17 -12.55
C PHE A 651 -8.32 -15.24 -11.51
N PRO A 652 -9.00 -15.21 -10.34
CA PRO A 652 -8.68 -16.16 -9.27
C PRO A 652 -8.87 -17.62 -9.64
N LYS A 653 -9.86 -17.92 -10.48
CA LYS A 653 -10.17 -19.29 -10.87
C LYS A 653 -9.16 -19.89 -11.86
N ASP A 654 -8.24 -19.08 -12.39
CA ASP A 654 -7.13 -19.59 -13.21
C ASP A 654 -5.91 -19.70 -12.28
N SER A 655 -5.61 -20.92 -11.84
CA SER A 655 -4.54 -21.13 -10.86
C SER A 655 -3.14 -20.79 -11.37
N SER A 656 -2.97 -20.71 -12.70
CA SER A 656 -1.69 -20.28 -13.26
C SER A 656 -1.33 -18.82 -12.92
N THR A 657 -2.32 -18.01 -12.53
CA THR A 657 -2.07 -16.61 -12.16
C THR A 657 -1.53 -16.46 -10.73
N TRP A 658 -1.79 -17.47 -9.91
CA TRP A 658 -1.53 -17.40 -8.48
C TRP A 658 -0.12 -16.91 -8.11
N THR A 659 0.90 -17.36 -8.82
CA THR A 659 2.30 -17.00 -8.52
C THR A 659 2.89 -15.90 -9.40
N VAL A 660 2.08 -15.36 -10.31
CA VAL A 660 2.50 -14.26 -11.17
C VAL A 660 2.53 -12.97 -10.37
N ASP A 661 3.72 -12.38 -10.24
CA ASP A 661 3.86 -11.09 -9.56
C ASP A 661 4.85 -10.13 -10.25
N HIS A 662 5.23 -10.44 -11.49
CA HIS A 662 6.09 -9.57 -12.28
C HIS A 662 5.36 -8.94 -13.46
N GLN A 663 4.03 -9.08 -13.44
CA GLN A 663 3.12 -8.36 -14.32
C GLN A 663 2.12 -7.75 -13.37
N LEU A 664 1.47 -6.69 -13.82
CA LEU A 664 0.42 -6.06 -13.02
C LEU A 664 -0.72 -5.66 -13.93
N LEU A 665 -1.87 -5.48 -13.30
CA LEU A 665 -3.03 -4.92 -13.95
C LEU A 665 -3.34 -3.55 -13.34
N TRP A 666 -3.82 -2.64 -14.17
CA TRP A 666 -4.45 -1.43 -13.69
C TRP A 666 -5.92 -1.78 -13.83
N GLY A 667 -6.62 -1.83 -12.70
CA GLY A 667 -8.04 -2.12 -12.72
C GLY A 667 -8.26 -3.50 -13.32
N GLU A 668 -9.36 -3.65 -14.05
CA GLU A 668 -9.72 -4.94 -14.61
C GLU A 668 -9.08 -5.19 -15.97
N ALA A 669 -8.79 -4.14 -16.72
CA ALA A 669 -8.58 -4.26 -18.16
C ALA A 669 -7.21 -3.98 -18.76
N LEU A 670 -6.28 -3.40 -18.00
CA LEU A 670 -4.96 -3.03 -18.56
C LEU A 670 -3.83 -3.88 -18.02
N LEU A 671 -3.32 -4.79 -18.85
CA LEU A 671 -2.25 -5.70 -18.45
C LEU A 671 -0.88 -5.15 -18.83
N ILE A 672 -0.01 -4.95 -17.85
CA ILE A 672 1.32 -4.39 -18.10
C ILE A 672 2.36 -5.49 -17.91
N THR A 673 3.14 -5.75 -18.95
CA THR A 673 4.14 -6.82 -18.89
C THR A 673 5.54 -6.21 -19.13
N PRO A 674 6.19 -5.75 -18.05
CA PRO A 674 7.47 -5.05 -18.16
C PRO A 674 8.68 -5.95 -18.35
N VAL A 675 9.72 -5.38 -18.95
CA VAL A 675 11.02 -6.03 -19.00
C VAL A 675 11.70 -5.66 -17.68
N LEU A 676 12.26 -6.65 -16.99
CA LEU A 676 12.79 -6.45 -15.64
C LEU A 676 14.24 -6.91 -15.49
N GLN A 677 14.90 -7.08 -16.63
CA GLN A 677 16.25 -7.61 -16.66
C GLN A 677 17.03 -6.85 -17.71
N ALA A 678 18.34 -6.74 -17.49
CA ALA A 678 19.21 -6.05 -18.43
C ALA A 678 19.36 -6.85 -19.70
N GLY A 679 19.54 -6.13 -20.81
CA GLY A 679 19.86 -6.70 -22.10
C GLY A 679 18.86 -7.65 -22.71
N LYS A 680 17.57 -7.47 -22.41
CA LYS A 680 16.53 -8.27 -23.01
C LYS A 680 15.78 -7.43 -24.05
N ALA A 681 15.37 -8.07 -25.15
CA ALA A 681 14.58 -7.42 -26.20
C ALA A 681 13.23 -8.13 -26.38
N GLU A 682 12.87 -8.96 -25.41
CA GLU A 682 11.61 -9.67 -25.40
C GLU A 682 11.24 -9.96 -23.95
N VAL A 683 9.98 -10.33 -23.73
CA VAL A 683 9.52 -10.67 -22.39
C VAL A 683 8.43 -11.72 -22.52
N THR A 684 8.36 -12.62 -21.54
CA THR A 684 7.37 -13.69 -21.55
C THR A 684 6.39 -13.45 -20.42
N GLY A 685 5.12 -13.27 -20.78
CA GLY A 685 4.10 -12.95 -19.79
C GLY A 685 2.92 -13.87 -19.88
N TYR A 686 2.20 -14.03 -18.77
CA TYR A 686 1.00 -14.85 -18.74
C TYR A 686 -0.21 -14.05 -19.21
N PHE A 687 -0.97 -14.62 -20.13
CA PHE A 687 -2.21 -14.02 -20.63
C PHE A 687 -3.42 -14.88 -20.26
N PRO A 688 -4.29 -14.38 -19.36
CA PRO A 688 -5.51 -15.10 -18.99
C PRO A 688 -6.37 -15.31 -20.22
N LEU A 689 -7.32 -16.24 -20.13
CA LEU A 689 -8.18 -16.51 -21.27
C LEU A 689 -8.91 -15.23 -21.70
N GLY A 690 -8.91 -15.00 -23.02
CA GLY A 690 -9.54 -13.83 -23.62
C GLY A 690 -8.70 -13.18 -24.72
N THR A 691 -9.25 -12.12 -25.29
CA THR A 691 -8.58 -11.34 -26.31
C THR A 691 -7.94 -10.13 -25.64
N TRP A 692 -6.66 -9.90 -25.96
CA TRP A 692 -5.88 -8.79 -25.39
C TRP A 692 -5.30 -7.94 -26.50
N TYR A 693 -5.84 -6.73 -26.66
CA TYR A 693 -5.40 -5.83 -27.74
C TYR A 693 -4.18 -5.04 -27.31
N ASP A 694 -3.20 -4.95 -28.21
CA ASP A 694 -2.00 -4.18 -27.94
C ASP A 694 -2.36 -2.70 -27.92
N LEU A 695 -2.08 -2.03 -26.81
CA LEU A 695 -2.41 -0.61 -26.66
C LEU A 695 -1.67 0.32 -27.64
N GLN A 696 -0.60 -0.17 -28.27
CA GLN A 696 0.12 0.64 -29.27
C GLN A 696 -0.68 0.87 -30.56
N THR A 697 -1.82 0.18 -30.70
CA THR A 697 -2.69 0.37 -31.86
C THR A 697 -3.60 1.59 -31.66
N VAL A 698 -3.72 2.03 -30.41
CA VAL A 698 -4.49 3.21 -30.08
C VAL A 698 -3.63 4.46 -30.34
N PRO A 699 -4.13 5.41 -31.15
CA PRO A 699 -3.41 6.67 -31.39
C PRO A 699 -3.29 7.59 -30.16
N ILE A 700 -2.06 7.99 -29.84
CA ILE A 700 -1.78 8.90 -28.72
C ILE A 700 -0.96 10.08 -29.26
N GLU A 701 -1.32 11.31 -28.88
CA GLU A 701 -0.63 12.50 -29.39
C GLU A 701 0.73 12.77 -28.72
N GLU A 715 1.90 -8.05 -33.21
CA GLU A 715 0.50 -8.46 -33.16
C GLU A 715 -0.42 -7.39 -32.55
N PRO A 716 -1.51 -7.04 -33.27
CA PRO A 716 -2.46 -6.08 -32.71
C PRO A 716 -3.37 -6.69 -31.63
N ALA A 717 -3.44 -8.02 -31.61
CA ALA A 717 -4.31 -8.73 -30.68
C ALA A 717 -3.76 -10.11 -30.36
N ILE A 718 -3.70 -10.42 -29.07
CA ILE A 718 -3.29 -11.72 -28.60
C ILE A 718 -4.56 -12.50 -28.20
N HIS A 719 -4.76 -13.67 -28.82
CA HIS A 719 -5.93 -14.50 -28.51
C HIS A 719 -5.48 -15.66 -27.64
N SER A 720 -5.81 -15.55 -26.35
CA SER A 720 -5.28 -16.46 -25.34
C SER A 720 -6.33 -17.40 -24.78
N GLU A 721 -5.90 -18.65 -24.55
CA GLU A 721 -6.70 -19.67 -23.89
C GLU A 721 -6.29 -19.74 -22.42
N GLY A 722 -5.42 -18.83 -22.01
CA GLY A 722 -4.81 -18.85 -20.68
C GLY A 722 -3.46 -19.51 -20.88
N GLN A 723 -2.45 -18.71 -21.24
CA GLN A 723 -1.15 -19.25 -21.61
C GLN A 723 -0.04 -18.21 -21.53
N TRP A 724 1.20 -18.68 -21.47
CA TRP A 724 2.34 -17.77 -21.49
C TRP A 724 2.64 -17.36 -22.92
N VAL A 725 3.02 -16.10 -23.13
CA VAL A 725 3.25 -15.58 -24.48
C VAL A 725 4.53 -14.76 -24.49
N THR A 726 5.41 -15.05 -25.44
CA THR A 726 6.67 -14.32 -25.57
C THR A 726 6.44 -13.10 -26.47
N LEU A 727 6.74 -11.91 -25.96
CA LEU A 727 6.40 -10.67 -26.67
C LEU A 727 7.64 -9.90 -27.08
N PRO A 728 7.60 -9.26 -28.25
CA PRO A 728 8.74 -8.42 -28.58
C PRO A 728 8.75 -7.20 -27.66
N ALA A 729 9.92 -6.86 -27.14
CA ALA A 729 10.04 -5.79 -26.15
C ALA A 729 11.41 -5.12 -26.20
N PRO A 730 11.72 -4.43 -27.32
CA PRO A 730 12.96 -3.66 -27.45
C PRO A 730 13.05 -2.53 -26.44
N LEU A 731 14.22 -1.90 -26.33
CA LEU A 731 14.47 -0.90 -25.28
C LEU A 731 13.42 0.20 -25.20
N ASP A 732 12.89 0.60 -26.34
CA ASP A 732 11.93 1.70 -26.38
C ASP A 732 10.48 1.29 -26.13
N THR A 733 10.27 0.06 -25.69
CA THR A 733 8.91 -0.49 -25.60
C THR A 733 8.60 -1.14 -24.27
N ILE A 734 7.39 -0.89 -23.79
CA ILE A 734 6.82 -1.66 -22.69
C ILE A 734 5.50 -2.19 -23.21
N ASN A 735 5.28 -3.49 -23.00
CA ASN A 735 4.05 -4.11 -23.43
C ASN A 735 2.89 -3.78 -22.50
N VAL A 736 1.84 -3.23 -23.09
CA VAL A 736 0.59 -2.90 -22.40
C VAL A 736 -0.57 -3.38 -23.27
N HIS A 737 -1.43 -4.22 -22.71
CA HIS A 737 -2.54 -4.75 -23.44
C HIS A 737 -3.87 -4.45 -22.77
N LEU A 738 -4.88 -4.23 -23.60
CA LEU A 738 -6.22 -3.89 -23.17
C LEU A 738 -7.16 -5.07 -23.39
N ARG A 739 -7.88 -5.44 -22.34
CA ARG A 739 -8.76 -6.58 -22.34
C ARG A 739 -10.03 -6.32 -23.14
N ALA A 740 -10.40 -7.30 -23.95
CA ALA A 740 -11.63 -7.23 -24.72
C ALA A 740 -12.82 -7.16 -23.77
N GLY A 741 -13.74 -6.26 -24.06
CA GLY A 741 -14.93 -6.05 -23.24
C GLY A 741 -14.83 -4.82 -22.36
N TYR A 742 -13.86 -3.95 -22.64
CA TYR A 742 -13.60 -2.79 -21.79
C TYR A 742 -13.35 -1.50 -22.57
N ILE A 743 -13.80 -0.38 -21.97
CA ILE A 743 -13.66 0.95 -22.54
C ILE A 743 -12.87 1.83 -21.57
N ILE A 744 -11.85 2.48 -22.10
CA ILE A 744 -10.92 3.30 -21.34
C ILE A 744 -11.08 4.75 -21.76
N PRO A 745 -11.37 5.65 -20.79
CA PRO A 745 -11.37 7.08 -21.09
C PRO A 745 -9.93 7.56 -21.15
N LEU A 746 -9.62 8.46 -22.09
CA LEU A 746 -8.28 9.04 -22.22
C LEU A 746 -8.43 10.53 -22.42
N GLN A 747 -7.34 11.28 -22.25
CA GLN A 747 -7.35 12.73 -22.45
C GLN A 747 -6.07 13.22 -23.13
N GLY A 748 -6.18 14.34 -23.84
CA GLY A 748 -5.06 14.95 -24.57
C GLY A 748 -3.89 15.32 -23.69
N PRO A 749 -2.74 15.60 -24.32
CA PRO A 749 -1.45 15.80 -23.65
C PRO A 749 -1.28 17.14 -22.97
N GLY A 750 -0.25 17.20 -22.14
CA GLY A 750 0.15 18.42 -21.46
C GLY A 750 1.36 18.15 -20.60
N LEU A 751 2.12 19.20 -20.28
CA LEU A 751 3.23 19.06 -19.35
C LEU A 751 2.79 19.07 -17.88
N THR A 752 1.51 19.37 -17.64
CA THR A 752 0.93 19.33 -16.30
C THR A 752 -0.53 18.90 -16.41
N THR A 753 -1.10 18.49 -15.27
CA THR A 753 -2.51 18.13 -15.19
C THR A 753 -3.36 19.38 -15.26
N THR A 754 -2.80 20.52 -14.88
CA THR A 754 -3.52 21.79 -15.02
C THR A 754 -3.79 22.05 -16.52
N GLU A 755 -2.82 21.71 -17.35
CA GLU A 755 -2.93 21.83 -18.80
C GLU A 755 -3.73 20.65 -19.40
N SER A 756 -3.34 19.42 -19.09
CA SER A 756 -3.97 18.26 -19.69
C SER A 756 -5.48 18.14 -19.36
N ARG A 757 -5.91 18.62 -18.19
CA ARG A 757 -7.32 18.54 -17.81
C ARG A 757 -8.24 19.38 -18.71
N GLN A 758 -7.68 20.30 -19.49
CA GLN A 758 -8.47 21.15 -20.38
C GLN A 758 -8.53 20.60 -21.81
N GLN A 759 -7.88 19.48 -22.06
CA GLN A 759 -7.81 18.92 -23.41
C GLN A 759 -9.05 18.11 -23.78
N PRO A 760 -9.24 17.89 -25.08
CA PRO A 760 -10.29 17.00 -25.54
C PRO A 760 -9.99 15.60 -25.05
N MET A 761 -11.04 14.81 -24.85
CA MET A 761 -10.92 13.44 -24.37
C MET A 761 -11.14 12.45 -25.52
N ALA A 762 -10.91 11.18 -25.23
CA ALA A 762 -11.08 10.11 -26.19
C ALA A 762 -11.49 8.81 -25.50
N LEU A 763 -11.95 7.87 -26.30
CA LEU A 763 -12.28 6.54 -25.83
C LEU A 763 -11.52 5.48 -26.62
N ALA A 764 -10.99 4.50 -25.90
CA ALA A 764 -10.42 3.31 -26.50
C ALA A 764 -11.44 2.23 -26.18
N VAL A 765 -12.04 1.66 -27.21
CA VAL A 765 -13.11 0.66 -27.09
C VAL A 765 -12.61 -0.71 -27.55
N ALA A 766 -12.39 -1.62 -26.59
CA ALA A 766 -11.90 -2.96 -26.89
C ALA A 766 -13.07 -3.94 -26.98
N LEU A 767 -13.46 -4.30 -28.21
CA LEU A 767 -14.62 -5.15 -28.41
C LEU A 767 -14.38 -6.64 -28.14
N THR A 768 -15.35 -7.28 -27.51
CA THR A 768 -15.37 -8.73 -27.44
C THR A 768 -15.70 -9.18 -28.85
N LYS A 769 -15.51 -10.47 -29.12
CA LYS A 769 -15.85 -11.04 -30.43
C LYS A 769 -17.33 -10.76 -30.77
N GLY A 770 -18.20 -10.83 -29.76
CA GLY A 770 -19.61 -10.47 -29.91
C GLY A 770 -19.89 -8.97 -30.01
N GLY A 771 -18.85 -8.16 -30.13
CA GLY A 771 -18.99 -6.71 -30.25
C GLY A 771 -19.46 -5.94 -29.02
N GLU A 772 -19.06 -6.37 -27.83
CA GLU A 772 -19.52 -5.76 -26.57
C GLU A 772 -18.37 -5.11 -25.80
N ALA A 773 -18.68 -4.05 -25.07
CA ALA A 773 -17.70 -3.41 -24.17
C ALA A 773 -18.37 -2.48 -23.15
N ARG A 774 -17.76 -2.36 -21.97
CA ARG A 774 -18.26 -1.47 -20.91
C ARG A 774 -17.08 -0.76 -20.25
N GLY A 775 -17.32 0.47 -19.85
CA GLY A 775 -16.33 1.29 -19.16
C GLY A 775 -17.01 2.45 -18.46
N GLU A 776 -16.22 3.29 -17.79
CA GLU A 776 -16.78 4.43 -17.08
C GLU A 776 -15.76 5.53 -16.81
N LEU A 777 -16.29 6.73 -16.55
CA LEU A 777 -15.49 7.90 -16.23
C LEU A 777 -16.07 8.59 -15.02
N PHE A 778 -15.20 8.94 -14.08
CA PHE A 778 -15.57 9.78 -12.93
C PHE A 778 -14.77 11.08 -13.09
N TRP A 779 -15.45 12.21 -12.87
CA TRP A 779 -14.80 13.51 -13.02
C TRP A 779 -15.35 14.46 -11.96
N ASP A 780 -14.44 15.16 -11.30
CA ASP A 780 -14.79 16.20 -10.33
C ASP A 780 -13.76 17.31 -10.49
N ASP A 781 -13.75 18.31 -9.59
CA ASP A 781 -12.82 19.43 -9.74
C ASP A 781 -11.38 19.02 -9.45
N GLY A 782 -11.20 17.86 -8.83
CA GLY A 782 -9.87 17.28 -8.66
C GLY A 782 -9.05 17.66 -7.44
N GLU A 783 -9.59 18.57 -6.62
CA GLU A 783 -8.90 19.08 -5.43
C GLU A 783 -9.82 19.18 -4.24
N SER A 784 -11.11 19.37 -4.45
CA SER A 784 -12.01 19.71 -3.34
C SER A 784 -12.28 18.59 -2.36
N LEU A 785 -12.69 18.99 -1.17
CA LEU A 785 -13.10 18.10 -0.12
C LEU A 785 -14.58 17.80 -0.20
N GLU A 786 -14.96 16.62 0.30
CA GLU A 786 -16.36 16.17 0.42
C GLU A 786 -17.13 16.13 -0.90
N VAL A 787 -16.42 15.83 -1.98
CA VAL A 787 -17.04 15.75 -3.30
C VAL A 787 -18.22 14.75 -3.37
N LEU A 788 -18.01 13.55 -2.88
CA LEU A 788 -19.05 12.51 -2.93
C LEU A 788 -20.24 12.82 -2.03
N GLU A 789 -19.93 13.33 -0.84
CA GLU A 789 -20.94 13.73 0.12
C GLU A 789 -21.84 14.83 -0.45
N ARG A 790 -21.25 15.83 -1.11
CA ARG A 790 -21.99 16.96 -1.68
C ARG A 790 -22.51 16.67 -3.09
N GLY A 791 -22.20 15.49 -3.64
CA GLY A 791 -22.61 15.14 -5.00
C GLY A 791 -21.98 16.00 -6.08
N ALA A 792 -20.80 16.56 -5.81
CA ALA A 792 -20.14 17.49 -6.74
C ALA A 792 -19.26 16.76 -7.74
N TYR A 793 -19.85 15.82 -8.46
CA TYR A 793 -19.11 15.05 -9.44
C TYR A 793 -20.00 14.56 -10.55
N THR A 794 -19.37 14.19 -11.67
CA THR A 794 -20.06 13.63 -12.80
C THR A 794 -19.59 12.20 -12.99
N GLN A 795 -20.53 11.29 -13.24
CA GLN A 795 -20.23 9.90 -13.48
C GLN A 795 -20.95 9.41 -14.75
N VAL A 796 -20.14 8.92 -15.69
CA VAL A 796 -20.64 8.45 -16.99
C VAL A 796 -20.16 7.00 -17.25
N ILE A 797 -21.04 6.18 -17.82
CA ILE A 797 -20.74 4.82 -18.22
C ILE A 797 -20.77 4.77 -19.74
N PHE A 798 -19.92 3.93 -20.34
CA PHE A 798 -19.84 3.75 -21.79
C PHE A 798 -20.18 2.30 -22.16
N LEU A 799 -20.98 2.11 -23.21
CA LEU A 799 -21.41 0.78 -23.63
C LEU A 799 -21.26 0.59 -25.10
N ALA A 800 -20.55 -0.44 -25.50
CA ALA A 800 -20.48 -0.84 -26.89
C ALA A 800 -21.35 -2.10 -27.03
N ARG A 801 -22.16 -2.12 -28.08
CA ARG A 801 -23.10 -3.21 -28.35
C ARG A 801 -23.63 -3.09 -29.77
N ASN A 802 -23.61 -4.21 -30.51
CA ASN A 802 -24.25 -4.30 -31.83
C ASN A 802 -23.85 -3.13 -32.75
N ASN A 803 -22.53 -2.93 -32.91
CA ASN A 803 -22.01 -1.86 -33.75
C ASN A 803 -22.44 -0.45 -33.34
N THR A 804 -22.66 -0.24 -32.05
CA THR A 804 -22.97 1.10 -31.56
C THR A 804 -22.18 1.36 -30.27
N ILE A 805 -21.94 2.64 -30.01
CA ILE A 805 -21.29 3.05 -28.77
C ILE A 805 -22.14 4.16 -28.18
N VAL A 806 -22.57 3.97 -26.93
CA VAL A 806 -23.39 4.97 -26.25
C VAL A 806 -22.82 5.29 -24.88
N ASN A 807 -23.38 6.33 -24.27
CA ASN A 807 -23.09 6.66 -22.89
C ASN A 807 -24.37 6.62 -22.03
N GLU A 808 -24.17 6.42 -20.73
CA GLU A 808 -25.21 6.45 -19.73
C GLU A 808 -24.85 7.51 -18.71
N LEU A 809 -25.77 8.43 -18.47
CA LEU A 809 -25.51 9.54 -17.58
C LEU A 809 -25.97 9.14 -16.18
N VAL A 810 -25.08 8.52 -15.44
CA VAL A 810 -25.34 8.16 -14.06
C VAL A 810 -25.51 9.43 -13.20
N ARG A 811 -24.64 10.41 -13.42
CA ARG A 811 -24.77 11.70 -12.76
C ARG A 811 -24.08 12.75 -13.60
N VAL A 812 -24.72 13.89 -13.75
CA VAL A 812 -24.16 15.00 -14.49
C VAL A 812 -24.31 16.26 -13.66
N THR A 813 -23.21 16.98 -13.50
CA THR A 813 -23.15 18.20 -12.72
C THR A 813 -22.29 19.19 -13.46
N SER A 814 -22.11 20.38 -12.89
CA SER A 814 -21.30 21.44 -13.49
C SER A 814 -19.83 21.06 -13.67
N GLU A 815 -19.31 20.20 -12.80
CA GLU A 815 -17.90 19.77 -12.90
C GLU A 815 -17.61 19.00 -14.18
N GLY A 816 -18.56 18.18 -14.61
CA GLY A 816 -18.44 17.43 -15.86
C GLY A 816 -18.72 18.24 -17.12
N ALA A 817 -19.03 19.53 -16.94
CA ALA A 817 -19.37 20.38 -18.06
C ALA A 817 -18.17 20.69 -18.93
N GLY A 818 -18.41 20.83 -20.23
CA GLY A 818 -17.37 21.19 -21.18
C GLY A 818 -16.40 20.07 -21.52
N LEU A 819 -16.63 18.86 -21.00
CA LEU A 819 -15.77 17.72 -21.33
C LEU A 819 -16.06 17.28 -22.75
N GLN A 820 -15.09 17.52 -23.63
CA GLN A 820 -15.21 17.31 -25.06
C GLN A 820 -14.65 15.96 -25.47
N LEU A 821 -15.47 15.16 -26.15
CA LEU A 821 -15.06 13.87 -26.69
C LEU A 821 -14.78 14.09 -28.16
N GLN A 822 -13.53 13.89 -28.59
CA GLN A 822 -13.15 14.15 -29.98
C GLN A 822 -12.67 12.95 -30.79
N LYS A 823 -12.34 11.86 -30.12
CA LYS A 823 -11.84 10.69 -30.80
C LYS A 823 -12.37 9.40 -30.12
N VAL A 824 -12.82 8.47 -30.95
CA VAL A 824 -13.28 7.16 -30.50
C VAL A 824 -12.52 6.10 -31.30
N THR A 825 -11.68 5.33 -30.61
CA THR A 825 -10.90 4.30 -31.26
C THR A 825 -11.50 2.94 -30.88
N VAL A 826 -11.92 2.19 -31.90
CA VAL A 826 -12.55 0.89 -31.68
C VAL A 826 -11.60 -0.21 -32.15
N LEU A 827 -11.28 -1.12 -31.22
CA LEU A 827 -10.40 -2.26 -31.51
C LEU A 827 -11.25 -3.52 -31.69
N GLY A 828 -10.86 -4.38 -32.63
CA GLY A 828 -11.56 -5.63 -32.90
C GLY A 828 -12.72 -5.51 -33.88
N VAL A 829 -12.62 -4.56 -34.81
CA VAL A 829 -13.64 -4.38 -35.84
C VAL A 829 -13.18 -5.22 -37.03
N ALA A 830 -13.90 -6.32 -37.28
CA ALA A 830 -13.49 -7.31 -38.31
C ALA A 830 -13.57 -6.83 -39.75
N THR A 831 -14.68 -6.20 -40.11
CA THR A 831 -14.89 -5.77 -41.49
C THR A 831 -14.95 -4.24 -41.60
N ALA A 832 -14.33 -3.68 -42.64
CA ALA A 832 -14.28 -2.23 -42.88
C ALA A 832 -15.68 -1.66 -43.02
N PRO A 833 -15.99 -0.57 -42.31
CA PRO A 833 -17.36 -0.07 -42.38
C PRO A 833 -17.55 0.84 -43.58
N GLN A 834 -18.75 0.83 -44.15
CA GLN A 834 -19.10 1.71 -45.27
C GLN A 834 -19.56 3.09 -44.80
N GLN A 835 -20.27 3.14 -43.68
CA GLN A 835 -20.68 4.41 -43.09
C GLN A 835 -20.44 4.44 -41.58
N VAL A 836 -20.08 5.61 -41.10
CA VAL A 836 -19.93 5.85 -39.67
C VAL A 836 -20.78 7.07 -39.31
N LEU A 837 -21.69 6.88 -38.37
CA LEU A 837 -22.60 7.94 -37.94
C LEU A 837 -22.32 8.33 -36.50
N SER A 838 -22.50 9.62 -36.21
CA SER A 838 -22.46 10.20 -34.87
C SER A 838 -23.78 10.97 -34.73
N ASN A 839 -24.59 10.62 -33.73
CA ASN A 839 -25.94 11.20 -33.58
C ASN A 839 -26.73 11.31 -34.89
N GLY A 840 -26.65 10.28 -35.72
CA GLY A 840 -27.47 10.18 -36.94
C GLY A 840 -26.93 10.83 -38.20
N VAL A 841 -25.73 11.38 -38.12
CA VAL A 841 -25.10 12.13 -39.21
C VAL A 841 -23.74 11.50 -39.51
N PRO A 842 -23.39 11.32 -40.80
CA PRO A 842 -22.07 10.72 -41.11
C PRO A 842 -20.94 11.59 -40.57
N VAL A 843 -19.93 10.97 -39.93
CA VAL A 843 -18.83 11.75 -39.34
C VAL A 843 -17.96 12.30 -40.46
N SER A 844 -17.38 13.48 -40.20
CA SER A 844 -16.54 14.15 -41.18
C SER A 844 -15.41 13.23 -41.68
N ASN A 845 -14.71 12.56 -40.77
CA ASN A 845 -13.68 11.59 -41.17
C ASN A 845 -13.32 10.53 -40.12
N PHE A 846 -13.03 9.35 -40.64
CA PHE A 846 -12.62 8.20 -39.84
C PHE A 846 -11.61 7.42 -40.65
N THR A 847 -10.89 6.49 -40.02
CA THR A 847 -9.98 5.63 -40.76
C THR A 847 -10.15 4.21 -40.27
N TYR A 848 -9.92 3.27 -41.17
CA TYR A 848 -9.97 1.88 -40.84
C TYR A 848 -8.66 1.25 -41.28
N SER A 849 -8.15 0.32 -40.47
CA SER A 849 -6.94 -0.42 -40.82
C SER A 849 -7.31 -1.90 -40.82
N PRO A 850 -7.27 -2.56 -41.99
CA PRO A 850 -7.62 -3.99 -42.04
C PRO A 850 -6.56 -4.89 -41.40
N ASP A 851 -5.32 -4.39 -41.32
CA ASP A 851 -4.20 -5.11 -40.70
C ASP A 851 -4.32 -5.17 -39.18
N THR A 852 -4.73 -4.06 -38.55
CA THR A 852 -4.85 -4.00 -37.10
C THR A 852 -6.28 -4.19 -36.58
N LYS A 853 -7.28 -4.15 -37.47
CA LYS A 853 -8.70 -4.22 -37.07
C LYS A 853 -9.15 -2.97 -36.28
N VAL A 854 -8.46 -1.85 -36.51
CA VAL A 854 -8.72 -0.62 -35.75
C VAL A 854 -9.60 0.35 -36.52
N LEU A 855 -10.69 0.80 -35.90
CA LEU A 855 -11.56 1.85 -36.45
C LEU A 855 -11.32 3.12 -35.64
N ASP A 856 -10.81 4.16 -36.29
CA ASP A 856 -10.50 5.43 -35.61
C ASP A 856 -11.45 6.53 -36.08
N ILE A 857 -12.26 7.07 -35.16
CA ILE A 857 -13.33 8.01 -35.51
C ILE A 857 -13.13 9.39 -34.87
N VAL A 859 -14.90 12.78 -33.79
CA VAL A 859 -16.22 13.27 -33.40
C VAL A 859 -16.15 14.64 -32.68
N SER A 860 -17.33 15.22 -32.42
CA SER A 860 -17.50 16.43 -31.60
C SER A 860 -18.66 16.20 -30.64
N LEU A 861 -18.36 15.66 -29.47
CA LEU A 861 -19.39 15.26 -28.52
C LEU A 861 -18.97 15.65 -27.12
N LEU A 862 -19.92 15.60 -26.20
CA LEU A 862 -19.67 15.94 -24.81
C LEU A 862 -19.94 14.74 -23.93
N MET A 863 -19.00 14.43 -23.04
CA MET A 863 -19.15 13.31 -22.13
C MET A 863 -20.45 13.38 -21.34
N GLY A 864 -20.92 14.59 -21.04
CA GLY A 864 -22.17 14.80 -20.30
C GLY A 864 -23.48 14.76 -21.08
N GLU A 865 -23.39 14.76 -22.41
CA GLU A 865 -24.56 14.74 -23.29
C GLU A 865 -24.76 13.34 -23.82
N GLN A 866 -26.01 12.91 -23.91
CA GLN A 866 -26.32 11.56 -24.40
CA GLN A 866 -26.32 11.57 -24.38
C GLN A 866 -26.00 11.48 -25.89
N PHE A 867 -25.13 10.55 -26.27
CA PHE A 867 -24.75 10.39 -27.67
C PHE A 867 -24.89 8.94 -28.11
N LEU A 868 -24.89 8.77 -29.43
CA LEU A 868 -24.96 7.45 -30.09
C LEU A 868 -24.06 7.52 -31.30
N VAL A 869 -23.06 6.65 -31.34
CA VAL A 869 -22.16 6.50 -32.48
C VAL A 869 -22.35 5.07 -33.02
N SER A 870 -22.48 4.93 -34.34
CA SER A 870 -22.69 3.61 -34.97
C SER A 870 -21.92 3.42 -36.27
N TRP A 871 -21.73 2.17 -36.65
CA TRP A 871 -21.06 1.85 -37.91
C TRP A 871 -21.63 0.58 -38.55
N CYS A 872 -21.44 0.46 -39.86
CA CYS A 872 -21.80 -0.76 -40.63
C CYS A 872 -21.08 -0.75 -41.97
#